data_1KCK
#
_entry.id   1KCK
#
_cell.length_a   120.686
_cell.length_b   111.162
_cell.length_c   65.944
_cell.angle_alpha   90.00
_cell.angle_beta   90.00
_cell.angle_gamma   90.00
#
_symmetry.space_group_name_H-M   'P 21 21 21'
#
loop_
_entity.id
_entity.type
_entity.pdbx_description
1 polymer 'CYCLODEXTRIN GLYCOSYLTRANSFERASE'
2 branched alpha-D-quinovopyranose-(1-4)-alpha-D-glucopyranose
3 branched alpha-D-glucopyranose-(1-4)-alpha-D-glucopyranose
4 branched alpha-D-glucopyranose-(1-4)-alpha-D-glucopyranose-(1-4)-alpha-D-glucopyranose
5 branched alpha-D-glucopyranose-(1-4)-alpha-D-glucopyranose-(1-4)-beta-D-glucopyranose
6 non-polymer '1-AMINO-2,3-DIHYDROXY-5-HYDROXYMETHYL CYCLOHEX-5-ENE'
7 non-polymer alpha-D-glucopyranose
8 non-polymer 'CALCIUM ION'
9 water water
#
_entity_poly.entity_id   1
_entity_poly.type   'polypeptide(L)'
_entity_poly.pdbx_seq_one_letter_code
;APDTSVSNKQNFSTDVIYQIFTDRFSDGNPANNPTGAAFDGTCTNLRLYCGGDWQGIINKINDGYLTGMGVTAIWISQPV
ENIYSIINYSGVNNTAYHGYWARDFKKTNPAYGTIADFQNLIAAAHAKNIKVIIDFAPNHTSPASSDQPSFAENGRLYDN
GTLLGGYTNDTQNLFHHNGGTDFSTTENGIYKGLYDLADLNHNNSTVDVYLKDAIKMWLDLGIDGIRMDAVKHMPFGWQK
SFMAAVNNYKPVFTFGEWFLGVNEVSPENHKFANESGMSLLDFRFAQKVRQVFRDNTDNMYGLKAMLEGSAADYAQVDDQ
VTFIDNHDMERFHASNANRRKLEQALAFTLTSRGVPAIYYGTEQYMSGGTDPDNRARIPSFSTSTTAYQVIQKLAPLRKC
NPAIAYGSTQERWINNDVLIYERKFGSNVAVVAVNRNLNAPASISGLVTSLPQGSYNDVLGGLLNGNTLSVGSGGAASNF
TLAAGGTAVWQYTAATATPTIGHVGPMMAKPGVTITIDGRGFGSSKGTVYFGTTAVSGADITSWEDTQIKVKIPAVAGGN
YNIKVANAAGTASNVYDNFEVLSGDQVSVRFVVNNATTALGQNVYLTGSVSELGNWDPAKAIGPMYNQVVYQYPNWYYDV
SVPAGKTIEFKFLKKQGSTVTWEGGSNHTFTAPSSGTATINVNWQP
;
_entity_poly.pdbx_strand_id   A
#
loop_
_chem_comp.id
_chem_comp.type
_chem_comp.name
_chem_comp.formula
ADH non-polymer '1-AMINO-2,3-DIHYDROXY-5-HYDROXYMETHYL CYCLOHEX-5-ENE' 'C7 H13 N O3'
BGC D-saccharide, beta linking beta-D-glucopyranose 'C6 H12 O6'
CA non-polymer 'CALCIUM ION' 'Ca 2'
G6D D-saccharide, alpha linking alpha-D-quinovopyranose 'C6 H12 O5'
GLC D-saccharide, alpha linking alpha-D-glucopyranose 'C6 H12 O6'
#
# COMPACT_ATOMS: atom_id res chain seq x y z
N ALA A 1 -6.63 5.45 23.04
CA ALA A 1 -5.28 5.98 22.65
C ALA A 1 -5.44 6.98 21.51
N PRO A 2 -4.50 7.92 21.39
CA PRO A 2 -4.55 8.92 20.32
C PRO A 2 -4.32 8.32 18.93
N ASP A 3 -4.69 9.06 17.89
CA ASP A 3 -4.54 8.60 16.52
C ASP A 3 -3.09 8.31 16.16
N THR A 4 -2.17 8.96 16.86
CA THR A 4 -0.74 8.81 16.60
C THR A 4 -0.09 7.68 17.41
N SER A 5 -0.88 6.97 18.19
CA SER A 5 -0.38 5.86 19.01
C SER A 5 0.10 4.70 18.15
N VAL A 6 1.08 3.96 18.67
CA VAL A 6 1.62 2.81 17.96
C VAL A 6 0.58 1.70 17.85
N SER A 7 -0.46 1.77 18.68
CA SER A 7 -1.50 0.75 18.68
C SER A 7 -2.51 0.92 17.54
N ASN A 8 -2.38 2.02 16.79
CA ASN A 8 -3.30 2.29 15.68
C ASN A 8 -2.88 1.53 14.43
N LYS A 9 -3.40 0.32 14.27
CA LYS A 9 -3.06 -0.52 13.11
C LYS A 9 -3.81 -0.14 11.84
N GLN A 10 -4.81 0.73 11.96
CA GLN A 10 -5.63 1.12 10.80
C GLN A 10 -5.19 2.41 10.12
N ASN A 11 -4.25 3.12 10.73
CA ASN A 11 -3.81 4.41 10.20
C ASN A 11 -2.29 4.54 10.21
N PHE A 12 -1.70 4.76 9.04
CA PHE A 12 -0.25 4.93 8.94
C PHE A 12 0.16 6.29 8.39
N SER A 13 -0.81 7.19 8.25
CA SER A 13 -0.56 8.52 7.69
C SER A 13 0.31 9.42 8.57
N THR A 14 0.38 9.12 9.87
CA THR A 14 1.20 9.92 10.77
C THR A 14 2.56 9.24 10.97
N ASP A 15 2.74 8.10 10.31
CA ASP A 15 3.98 7.33 10.41
C ASP A 15 4.91 7.53 9.23
N VAL A 16 6.14 7.06 9.40
CA VAL A 16 7.16 7.08 8.35
C VAL A 16 7.70 5.65 8.34
N ILE A 17 7.49 4.96 7.22
CA ILE A 17 7.94 3.58 7.07
C ILE A 17 9.38 3.46 6.59
N TYR A 18 10.10 2.50 7.17
CA TYR A 18 11.49 2.25 6.80
C TYR A 18 11.54 0.83 6.22
N GLN A 19 11.74 0.73 4.91
CA GLN A 19 11.78 -0.58 4.25
C GLN A 19 13.12 -1.27 4.46
N ILE A 20 13.10 -2.41 5.14
CA ILE A 20 14.31 -3.15 5.42
C ILE A 20 14.40 -4.48 4.66
N PHE A 21 15.52 -4.70 3.98
CA PHE A 21 15.76 -5.97 3.31
C PHE A 21 16.48 -6.76 4.40
N THR A 22 15.71 -7.48 5.21
CA THR A 22 16.23 -8.25 6.34
C THR A 22 17.65 -8.79 6.20
N ASP A 23 17.91 -9.51 5.12
CA ASP A 23 19.21 -10.12 4.90
C ASP A 23 20.37 -9.14 4.73
N ARG A 24 20.07 -7.96 4.21
CA ARG A 24 21.10 -6.96 3.94
C ARG A 24 21.15 -5.81 4.95
N PHE A 25 20.55 -6.01 6.13
CA PHE A 25 20.52 -4.96 7.14
C PHE A 25 21.50 -5.19 8.29
N SER A 26 21.29 -6.25 9.07
CA SER A 26 22.17 -6.53 10.21
C SER A 26 22.10 -7.98 10.71
N ASP A 27 23.26 -8.63 10.77
CA ASP A 27 23.37 -10.02 11.24
C ASP A 27 23.50 -10.02 12.75
N GLY A 28 22.39 -10.15 13.45
CA GLY A 28 22.41 -10.15 14.91
C GLY A 28 22.62 -11.52 15.53
N ASN A 29 22.47 -12.57 14.72
CA ASN A 29 22.64 -13.93 15.19
C ASN A 29 23.26 -14.79 14.09
N PRO A 30 24.60 -14.93 14.10
CA PRO A 30 25.32 -15.71 13.10
C PRO A 30 25.03 -17.21 13.15
N ALA A 31 24.38 -17.65 14.22
CA ALA A 31 24.06 -19.07 14.38
C ALA A 31 23.03 -19.59 13.39
N ASN A 32 22.21 -18.70 12.85
CA ASN A 32 21.18 -19.11 11.89
C ASN A 32 21.55 -18.81 10.44
N ASN A 33 22.78 -18.37 10.21
CA ASN A 33 23.23 -18.07 8.86
C ASN A 33 23.31 -19.33 8.01
N PRO A 34 22.88 -19.25 6.74
CA PRO A 34 22.96 -20.43 5.88
C PRO A 34 24.44 -20.79 5.70
N THR A 35 24.71 -21.93 5.07
CA THR A 35 26.09 -22.35 4.88
C THR A 35 26.34 -22.83 3.46
N GLY A 36 27.61 -23.08 3.15
CA GLY A 36 27.97 -23.56 1.83
C GLY A 36 27.94 -22.50 0.75
N ALA A 37 27.47 -22.89 -0.43
CA ALA A 37 27.40 -21.99 -1.57
C ALA A 37 26.19 -21.07 -1.49
N ALA A 38 25.45 -21.16 -0.40
CA ALA A 38 24.28 -20.32 -0.20
C ALA A 38 24.59 -19.16 0.74
N PHE A 39 25.85 -19.06 1.14
CA PHE A 39 26.24 -17.99 2.07
C PHE A 39 27.51 -17.25 1.67
N ASP A 40 27.52 -15.95 1.97
CA ASP A 40 28.67 -15.08 1.71
C ASP A 40 28.71 -13.96 2.74
N GLY A 41 29.43 -14.21 3.84
CA GLY A 41 29.52 -13.25 4.93
C GLY A 41 30.05 -11.87 4.57
N THR A 42 30.82 -11.77 3.50
CA THR A 42 31.37 -10.49 3.06
C THR A 42 30.32 -9.74 2.26
N CYS A 43 29.27 -10.45 1.86
CA CYS A 43 28.18 -9.89 1.09
C CYS A 43 28.67 -9.21 -0.18
N THR A 44 29.60 -9.86 -0.87
CA THR A 44 30.13 -9.35 -2.13
C THR A 44 29.28 -9.93 -3.25
N ASN A 45 28.80 -11.15 -3.03
CA ASN A 45 27.92 -11.82 -3.98
C ASN A 45 26.51 -11.47 -3.52
N LEU A 46 25.94 -10.45 -4.13
CA LEU A 46 24.62 -9.95 -3.75
C LEU A 46 23.44 -10.86 -4.08
N ARG A 47 23.72 -12.07 -4.55
CA ARG A 47 22.66 -13.02 -4.88
C ARG A 47 22.55 -14.16 -3.87
N LEU A 48 23.45 -14.16 -2.89
CA LEU A 48 23.44 -15.20 -1.85
C LEU A 48 23.05 -14.56 -0.52
N TYR A 49 22.85 -15.37 0.51
CA TYR A 49 22.51 -14.85 1.82
C TYR A 49 23.72 -14.14 2.39
N CYS A 50 23.47 -13.04 3.10
CA CYS A 50 24.55 -12.28 3.71
C CYS A 50 24.52 -12.41 5.24
N GLY A 51 23.37 -12.85 5.77
CA GLY A 51 23.27 -13.06 7.20
C GLY A 51 22.28 -12.22 7.98
N GLY A 52 21.78 -11.14 7.38
CA GLY A 52 20.83 -10.29 8.07
C GLY A 52 19.64 -11.05 8.63
N ASP A 53 19.24 -10.73 9.85
CA ASP A 53 18.12 -11.40 10.49
C ASP A 53 17.30 -10.49 11.38
N TRP A 54 16.26 -11.05 12.00
CA TRP A 54 15.38 -10.27 12.87
C TRP A 54 16.06 -9.82 14.15
N GLN A 55 16.99 -10.64 14.66
CA GLN A 55 17.72 -10.28 15.86
C GLN A 55 18.53 -9.02 15.57
N GLY A 56 19.05 -8.94 14.35
CA GLY A 56 19.83 -7.79 13.93
C GLY A 56 18.98 -6.53 13.92
N ILE A 57 17.74 -6.66 13.49
CA ILE A 57 16.82 -5.54 13.44
C ILE A 57 16.52 -5.09 14.87
N ILE A 58 16.33 -6.07 15.76
CA ILE A 58 16.04 -5.77 17.16
C ILE A 58 17.19 -4.96 17.79
N ASN A 59 18.42 -5.31 17.46
CA ASN A 59 19.57 -4.60 18.00
C ASN A 59 19.59 -3.15 17.52
N LYS A 60 19.26 -2.93 16.24
CA LYS A 60 19.24 -1.59 15.68
C LYS A 60 18.07 -0.75 16.18
N ILE A 61 17.08 -1.41 16.77
CA ILE A 61 15.95 -0.71 17.34
C ILE A 61 16.32 -0.32 18.77
N ASN A 62 17.13 -1.15 19.42
CA ASN A 62 17.54 -0.89 20.79
C ASN A 62 18.74 0.03 20.96
N ASP A 63 19.58 0.17 19.93
CA ASP A 63 20.71 1.08 20.07
C ASP A 63 20.40 2.48 19.50
N GLY A 64 19.13 2.70 19.18
CA GLY A 64 18.69 4.01 18.71
C GLY A 64 18.90 4.46 17.28
N TYR A 65 19.36 3.59 16.40
CA TYR A 65 19.58 4.00 15.01
C TYR A 65 18.29 4.42 14.32
N LEU A 66 17.26 3.58 14.45
CA LEU A 66 15.98 3.83 13.81
C LEU A 66 15.12 4.86 14.53
N THR A 67 15.07 4.79 15.86
CA THR A 67 14.28 5.72 16.64
C THR A 67 14.84 7.13 16.57
N GLY A 68 16.17 7.25 16.56
CA GLY A 68 16.79 8.55 16.50
C GLY A 68 16.57 9.23 15.16
N MET A 69 16.21 8.43 14.17
CA MET A 69 15.98 8.93 12.81
C MET A 69 14.53 9.42 12.65
N GLY A 70 13.67 9.06 13.59
CA GLY A 70 12.28 9.47 13.52
C GLY A 70 11.37 8.42 12.89
N VAL A 71 11.93 7.26 12.57
CA VAL A 71 11.18 6.16 11.97
C VAL A 71 10.17 5.61 12.98
N THR A 72 8.95 5.36 12.53
CA THR A 72 7.91 4.85 13.43
C THR A 72 7.27 3.55 12.95
N ALA A 73 7.76 3.03 11.83
CA ALA A 73 7.24 1.79 11.27
C ALA A 73 8.26 1.17 10.34
N ILE A 74 8.39 -0.14 10.39
CA ILE A 74 9.32 -0.85 9.51
C ILE A 74 8.58 -1.89 8.68
N TRP A 75 9.05 -2.05 7.45
CA TRP A 75 8.48 -3.01 6.51
C TRP A 75 9.61 -3.98 6.17
N ILE A 76 9.43 -5.25 6.54
CA ILE A 76 10.45 -6.27 6.34
C ILE A 76 10.11 -7.29 5.26
N SER A 77 11.14 -8.05 4.83
CA SER A 77 10.99 -9.07 3.80
C SER A 77 9.96 -10.11 4.24
N GLN A 78 9.35 -10.79 3.27
CA GLN A 78 8.36 -11.82 3.59
C GLN A 78 8.99 -12.76 4.62
N PRO A 79 8.30 -12.95 5.75
CA PRO A 79 8.77 -13.81 6.84
C PRO A 79 8.63 -15.32 6.66
N VAL A 80 7.74 -15.74 5.77
CA VAL A 80 7.48 -17.17 5.55
C VAL A 80 8.69 -17.93 5.01
N GLU A 81 8.63 -19.26 5.16
CA GLU A 81 9.70 -20.15 4.73
C GLU A 81 9.84 -20.23 3.22
N ASN A 82 11.05 -19.94 2.72
CA ASN A 82 11.33 -20.00 1.30
C ASN A 82 12.05 -21.30 0.94
N ILE A 83 12.22 -21.54 -0.35
CA ILE A 83 12.93 -22.71 -0.82
C ILE A 83 14.37 -22.66 -0.35
N TYR A 84 15.00 -23.82 -0.24
CA TYR A 84 16.38 -23.92 0.22
C TYR A 84 17.33 -24.18 -0.95
N SER A 85 16.76 -24.45 -2.10
CA SER A 85 17.55 -24.74 -3.31
C SER A 85 18.33 -23.54 -3.81
N ILE A 86 19.54 -23.79 -4.30
CA ILE A 86 20.38 -22.75 -4.88
C ILE A 86 20.19 -22.84 -6.39
N ILE A 87 19.37 -21.95 -6.93
CA ILE A 87 19.07 -21.95 -8.35
C ILE A 87 20.21 -21.35 -9.18
N ASN A 88 20.54 -22.03 -10.29
CA ASN A 88 21.61 -21.55 -11.16
C ASN A 88 21.04 -21.04 -12.48
N TYR A 89 21.12 -19.74 -12.67
CA TYR A 89 20.63 -19.12 -13.90
C TYR A 89 21.81 -18.74 -14.78
N SER A 90 22.23 -19.67 -15.64
CA SER A 90 23.35 -19.46 -16.56
C SER A 90 24.64 -19.10 -15.82
N GLY A 91 25.10 -20.02 -14.97
CA GLY A 91 26.34 -19.80 -14.25
C GLY A 91 26.23 -19.15 -12.89
N VAL A 92 25.36 -18.15 -12.76
CA VAL A 92 25.18 -17.44 -11.50
C VAL A 92 24.20 -18.14 -10.55
N ASN A 93 24.63 -18.35 -9.32
CA ASN A 93 23.79 -18.97 -8.30
C ASN A 93 22.86 -17.95 -7.68
N ASN A 94 21.69 -18.41 -7.22
CA ASN A 94 20.70 -17.55 -6.61
C ASN A 94 20.05 -18.21 -5.41
N THR A 95 19.80 -17.42 -4.37
CA THR A 95 19.13 -17.92 -3.17
C THR A 95 17.90 -17.08 -2.91
N ALA A 96 17.04 -17.55 -2.02
CA ALA A 96 15.82 -16.84 -1.67
C ALA A 96 16.08 -15.84 -0.54
N TYR A 97 17.20 -15.13 -0.62
CA TYR A 97 17.57 -14.16 0.41
C TYR A 97 16.53 -13.05 0.49
N HIS A 98 15.89 -12.76 -0.64
CA HIS A 98 14.86 -11.72 -0.73
C HIS A 98 13.54 -12.12 -0.09
N GLY A 99 13.31 -13.43 0.05
CA GLY A 99 12.10 -13.90 0.68
C GLY A 99 10.84 -14.02 -0.16
N TYR A 100 10.96 -13.87 -1.48
CA TYR A 100 9.80 -13.94 -2.35
C TYR A 100 9.52 -15.31 -2.96
N TRP A 101 10.30 -16.31 -2.57
CA TRP A 101 10.12 -17.66 -3.09
C TRP A 101 9.62 -18.60 -1.99
N ALA A 102 8.36 -18.43 -1.63
CA ALA A 102 7.73 -19.21 -0.56
C ALA A 102 7.52 -20.69 -0.86
N ARG A 103 7.59 -21.51 0.18
CA ARG A 103 7.35 -22.94 0.06
C ARG A 103 6.31 -23.33 1.11
N ASP A 104 6.21 -22.53 2.18
CA ASP A 104 5.27 -22.78 3.26
C ASP A 104 4.93 -21.45 3.94
N PHE A 105 3.69 -21.01 3.79
CA PHE A 105 3.26 -19.74 4.38
C PHE A 105 2.91 -19.80 5.86
N LYS A 106 3.04 -20.97 6.47
CA LYS A 106 2.72 -21.13 7.89
C LYS A 106 3.98 -21.32 8.74
N LYS A 107 5.13 -21.20 8.11
CA LYS A 107 6.41 -21.33 8.80
C LYS A 107 7.29 -20.13 8.51
N THR A 108 8.37 -19.99 9.28
CA THR A 108 9.29 -18.87 9.09
C THR A 108 10.53 -19.29 8.30
N ASN A 109 11.24 -18.29 7.77
CA ASN A 109 12.47 -18.54 7.04
C ASN A 109 13.53 -18.65 8.14
N PRO A 110 14.10 -19.86 8.34
CA PRO A 110 15.12 -20.10 9.36
C PRO A 110 16.26 -19.09 9.38
N ALA A 111 16.65 -18.61 8.20
CA ALA A 111 17.73 -17.64 8.10
C ALA A 111 17.37 -16.33 8.81
N TYR A 112 16.09 -15.96 8.78
CA TYR A 112 15.65 -14.74 9.45
C TYR A 112 15.46 -14.97 10.95
N GLY A 113 14.92 -16.14 11.29
CA GLY A 113 14.71 -16.46 12.69
C GLY A 113 13.58 -17.44 12.91
N THR A 114 13.30 -17.73 14.17
CA THR A 114 12.22 -18.66 14.54
C THR A 114 10.97 -17.86 14.88
N ILE A 115 9.87 -18.56 15.13
CA ILE A 115 8.62 -17.90 15.49
C ILE A 115 8.85 -17.05 16.73
N ALA A 116 9.74 -17.53 17.61
CA ALA A 116 10.06 -16.84 18.85
C ALA A 116 10.79 -15.53 18.55
N ASP A 117 11.74 -15.56 17.62
CA ASP A 117 12.47 -14.36 17.26
C ASP A 117 11.50 -13.33 16.69
N PHE A 118 10.52 -13.81 15.91
CA PHE A 118 9.53 -12.93 15.31
C PHE A 118 8.70 -12.24 16.38
N GLN A 119 8.29 -12.99 17.40
CA GLN A 119 7.50 -12.41 18.48
C GLN A 119 8.33 -11.37 19.23
N ASN A 120 9.62 -11.65 19.40
CA ASN A 120 10.53 -10.72 20.08
C ASN A 120 10.69 -9.46 19.25
N LEU A 121 10.59 -9.60 17.93
CA LEU A 121 10.71 -8.44 17.04
C LEU A 121 9.50 -7.54 17.23
N ILE A 122 8.33 -8.15 17.34
CA ILE A 122 7.08 -7.40 17.54
C ILE A 122 7.09 -6.71 18.90
N ALA A 123 7.56 -7.42 19.91
CA ALA A 123 7.63 -6.86 21.26
C ALA A 123 8.61 -5.71 21.34
N ALA A 124 9.82 -5.92 20.82
CA ALA A 124 10.84 -4.89 20.82
C ALA A 124 10.44 -3.66 20.02
N ALA A 125 9.80 -3.90 18.87
CA ALA A 125 9.36 -2.80 18.01
C ALA A 125 8.30 -1.97 18.71
N HIS A 126 7.21 -2.60 19.12
CA HIS A 126 6.13 -1.89 19.79
C HIS A 126 6.60 -1.14 21.02
N ALA A 127 7.59 -1.68 21.72
CA ALA A 127 8.12 -1.04 22.91
C ALA A 127 8.74 0.32 22.59
N LYS A 128 9.16 0.49 21.34
CA LYS A 128 9.76 1.75 20.91
C LYS A 128 8.84 2.51 19.94
N ASN A 129 7.55 2.23 20.03
CA ASN A 129 6.54 2.88 19.20
C ASN A 129 6.76 2.72 17.70
N ILE A 130 7.24 1.55 17.30
CA ILE A 130 7.47 1.25 15.90
C ILE A 130 6.53 0.12 15.46
N LYS A 131 5.73 0.38 14.43
CA LYS A 131 4.80 -0.61 13.91
C LYS A 131 5.53 -1.56 12.97
N VAL A 132 5.05 -2.80 12.87
CA VAL A 132 5.69 -3.79 12.01
C VAL A 132 4.83 -4.24 10.83
N ILE A 133 5.36 -4.05 9.62
CA ILE A 133 4.67 -4.45 8.40
C ILE A 133 5.42 -5.60 7.75
N ILE A 134 4.69 -6.60 7.27
CA ILE A 134 5.34 -7.73 6.61
C ILE A 134 4.94 -7.77 5.14
N ASP A 135 5.87 -8.21 4.31
CA ASP A 135 5.61 -8.36 2.89
C ASP A 135 4.91 -9.71 2.76
N PHE A 136 3.91 -9.80 1.88
CA PHE A 136 3.16 -11.04 1.69
C PHE A 136 2.93 -11.24 0.20
N ALA A 137 3.45 -12.33 -0.36
CA ALA A 137 3.33 -12.60 -1.80
C ALA A 137 2.55 -13.88 -2.13
N PRO A 138 1.22 -13.83 -2.05
CA PRO A 138 0.36 -14.99 -2.34
C PRO A 138 0.09 -15.24 -3.83
N ASN A 139 0.81 -14.54 -4.69
CA ASN A 139 0.62 -14.73 -6.13
C ASN A 139 1.26 -16.01 -6.64
N HIS A 140 2.35 -16.42 -5.99
CA HIS A 140 3.11 -17.58 -6.42
C HIS A 140 3.88 -18.22 -5.29
N THR A 141 4.59 -19.30 -5.61
CA THR A 141 5.43 -19.99 -4.65
C THR A 141 6.89 -19.75 -5.02
N SER A 142 7.43 -20.59 -5.91
CA SER A 142 8.83 -20.46 -6.30
C SER A 142 9.08 -20.82 -7.77
N PRO A 143 10.31 -20.58 -8.26
CA PRO A 143 10.65 -20.91 -9.65
C PRO A 143 10.44 -22.39 -9.94
N ALA A 144 9.67 -22.70 -10.98
CA ALA A 144 9.42 -24.10 -11.31
C ALA A 144 9.40 -24.36 -12.81
N SER A 145 9.50 -25.64 -13.16
CA SER A 145 9.47 -26.07 -14.55
C SER A 145 8.79 -27.44 -14.59
N SER A 146 7.74 -27.55 -15.40
CA SER A 146 6.99 -28.80 -15.52
C SER A 146 7.86 -29.86 -16.18
N ASP A 147 8.84 -29.39 -16.95
CA ASP A 147 9.78 -30.26 -17.64
C ASP A 147 10.87 -30.79 -16.71
N GLN A 148 11.44 -29.90 -15.91
CA GLN A 148 12.52 -30.26 -15.01
C GLN A 148 12.06 -30.33 -13.56
N PRO A 149 11.38 -31.41 -13.16
CA PRO A 149 10.91 -31.54 -11.78
C PRO A 149 12.07 -31.46 -10.79
N SER A 150 13.29 -31.51 -11.32
CA SER A 150 14.50 -31.45 -10.50
C SER A 150 14.92 -30.01 -10.26
N PHE A 151 14.48 -29.12 -11.14
CA PHE A 151 14.80 -27.69 -11.05
C PHE A 151 14.22 -27.10 -9.76
N ALA A 152 15.07 -26.44 -8.97
CA ALA A 152 14.66 -25.83 -7.71
C ALA A 152 13.83 -26.84 -6.91
N GLU A 153 12.67 -26.41 -6.43
CA GLU A 153 11.79 -27.30 -5.67
C GLU A 153 10.45 -27.50 -6.37
N ASN A 154 10.48 -27.42 -7.70
CA ASN A 154 9.30 -27.61 -8.53
C ASN A 154 8.13 -26.76 -8.07
N GLY A 155 8.43 -25.65 -7.40
CA GLY A 155 7.39 -24.76 -6.92
C GLY A 155 6.46 -25.40 -5.90
N ARG A 156 6.93 -26.45 -5.25
CA ARG A 156 6.13 -27.16 -4.27
C ARG A 156 5.60 -26.27 -3.14
N LEU A 157 4.35 -26.51 -2.76
CA LEU A 157 3.70 -25.76 -1.70
C LEU A 157 3.39 -26.68 -0.52
N TYR A 158 3.78 -26.23 0.68
CA TYR A 158 3.54 -27.01 1.88
C TYR A 158 2.60 -26.29 2.84
N ASP A 159 1.85 -27.08 3.60
CA ASP A 159 0.92 -26.55 4.58
C ASP A 159 1.47 -26.92 5.96
N ASN A 160 2.38 -26.09 6.47
CA ASN A 160 3.00 -26.33 7.77
C ASN A 160 3.68 -27.69 7.81
N GLY A 161 4.50 -27.96 6.79
CA GLY A 161 5.23 -29.22 6.73
C GLY A 161 4.63 -30.27 5.82
N THR A 162 3.31 -30.25 5.69
CA THR A 162 2.60 -31.22 4.85
C THR A 162 2.55 -30.76 3.40
N LEU A 163 3.01 -31.62 2.49
CA LEU A 163 3.02 -31.29 1.07
C LEU A 163 1.62 -31.27 0.47
N LEU A 164 1.33 -30.21 -0.30
CA LEU A 164 0.04 -30.08 -0.95
C LEU A 164 0.15 -30.41 -2.44
N GLY A 165 1.25 -29.99 -3.06
CA GLY A 165 1.46 -30.28 -4.47
C GLY A 165 2.62 -29.54 -5.09
N GLY A 166 3.07 -30.01 -6.25
CA GLY A 166 4.16 -29.37 -6.96
C GLY A 166 3.66 -28.91 -8.31
N TYR A 167 4.50 -28.19 -9.05
CA TYR A 167 4.09 -27.68 -10.36
C TYR A 167 4.00 -28.80 -11.41
N THR A 168 4.87 -29.80 -11.28
CA THR A 168 4.85 -30.93 -12.20
C THR A 168 3.85 -31.96 -11.72
N ASN A 169 3.01 -32.42 -12.65
CA ASN A 169 1.99 -33.42 -12.35
C ASN A 169 0.96 -32.82 -11.40
N ASP A 170 0.57 -31.58 -11.68
CA ASP A 170 -0.40 -30.85 -10.88
C ASP A 170 -1.81 -31.29 -11.25
N THR A 171 -2.18 -32.49 -10.81
CA THR A 171 -3.49 -33.05 -11.09
C THR A 171 -4.57 -32.38 -10.25
N GLN A 172 -4.16 -31.86 -9.10
CA GLN A 172 -5.05 -31.18 -8.17
C GLN A 172 -5.37 -29.78 -8.68
N ASN A 173 -4.54 -29.28 -9.60
CA ASN A 173 -4.71 -27.96 -10.21
C ASN A 173 -4.50 -26.80 -9.25
N LEU A 174 -3.46 -26.88 -8.45
CA LEU A 174 -3.14 -25.83 -7.50
C LEU A 174 -2.58 -24.61 -8.22
N PHE A 175 -1.88 -24.86 -9.33
CA PHE A 175 -1.25 -23.79 -10.09
C PHE A 175 -1.86 -23.58 -11.46
N HIS A 176 -1.40 -22.53 -12.14
CA HIS A 176 -1.84 -22.20 -13.48
C HIS A 176 -0.87 -22.81 -14.48
N HIS A 177 -1.41 -23.25 -15.61
CA HIS A 177 -0.61 -23.86 -16.67
C HIS A 177 -0.99 -23.18 -17.98
N ASN A 178 -0.89 -21.85 -18.00
CA ASN A 178 -1.26 -21.07 -19.17
C ASN A 178 -0.04 -20.44 -19.85
N GLY A 179 1.15 -20.75 -19.36
CA GLY A 179 2.36 -20.19 -19.93
C GLY A 179 2.86 -19.01 -19.11
N GLY A 180 3.66 -18.16 -19.73
CA GLY A 180 4.18 -17.00 -19.04
C GLY A 180 3.61 -15.70 -19.62
N THR A 181 3.47 -14.69 -18.79
CA THR A 181 2.94 -13.41 -19.23
C THR A 181 3.99 -12.55 -19.92
N ASP A 182 3.53 -11.68 -20.81
CA ASP A 182 4.41 -10.75 -21.52
C ASP A 182 3.99 -9.34 -21.13
N PHE A 183 3.13 -9.24 -20.11
CA PHE A 183 2.63 -7.96 -19.60
C PHE A 183 1.82 -7.20 -20.65
N SER A 184 1.43 -7.89 -21.72
CA SER A 184 0.67 -7.25 -22.80
C SER A 184 -0.67 -6.66 -22.34
N THR A 185 -1.42 -7.43 -21.56
CA THR A 185 -2.70 -6.95 -21.03
C THR A 185 -2.79 -7.29 -19.55
N THR A 186 -3.81 -6.76 -18.88
CA THR A 186 -3.99 -7.03 -17.46
C THR A 186 -4.35 -8.50 -17.24
N GLU A 187 -5.31 -9.00 -18.04
CA GLU A 187 -5.73 -10.38 -17.95
C GLU A 187 -4.56 -11.34 -18.17
N ASN A 188 -3.70 -10.99 -19.13
CA ASN A 188 -2.54 -11.80 -19.48
C ASN A 188 -1.55 -11.87 -18.31
N GLY A 189 -1.39 -10.75 -17.60
CA GLY A 189 -0.47 -10.73 -16.48
C GLY A 189 -1.02 -11.34 -15.21
N ILE A 190 -2.32 -11.61 -15.20
CA ILE A 190 -2.98 -12.21 -14.03
C ILE A 190 -3.08 -13.73 -14.11
N TYR A 191 -3.57 -14.24 -15.23
CA TYR A 191 -3.77 -15.68 -15.39
C TYR A 191 -2.61 -16.46 -16.01
N LYS A 192 -1.53 -15.76 -16.33
CA LYS A 192 -0.33 -16.41 -16.85
C LYS A 192 0.81 -16.14 -15.87
N GLY A 193 1.72 -17.10 -15.75
CA GLY A 193 2.82 -16.98 -14.81
C GLY A 193 3.73 -15.77 -14.91
N LEU A 194 4.16 -15.28 -13.75
CA LEU A 194 5.08 -14.16 -13.68
C LEU A 194 6.49 -14.75 -13.73
N TYR A 195 7.17 -14.56 -14.85
CA TYR A 195 8.51 -15.09 -15.04
C TYR A 195 8.43 -16.62 -15.00
N ASP A 196 9.27 -17.23 -14.18
CA ASP A 196 9.27 -18.69 -14.06
C ASP A 196 8.69 -19.14 -12.72
N LEU A 197 7.98 -18.23 -12.06
CA LEU A 197 7.37 -18.51 -10.76
C LEU A 197 6.07 -19.27 -10.91
N ALA A 198 5.91 -20.33 -10.12
CA ALA A 198 4.69 -21.14 -10.15
C ALA A 198 3.51 -20.26 -9.75
N ASP A 199 2.63 -19.97 -10.71
CA ASP A 199 1.48 -19.11 -10.46
C ASP A 199 0.35 -19.87 -9.76
N LEU A 200 0.00 -19.43 -8.56
CA LEU A 200 -1.06 -20.09 -7.79
C LEU A 200 -2.44 -19.82 -8.38
N ASN A 201 -3.30 -20.83 -8.29
CA ASN A 201 -4.66 -20.72 -8.79
C ASN A 201 -5.60 -20.49 -7.62
N HIS A 202 -6.00 -19.23 -7.43
CA HIS A 202 -6.87 -18.88 -6.32
C HIS A 202 -8.32 -19.28 -6.52
N ASN A 203 -8.62 -19.90 -7.67
CA ASN A 203 -9.97 -20.39 -7.94
C ASN A 203 -10.10 -21.77 -7.30
N ASN A 204 -8.96 -22.34 -6.91
CA ASN A 204 -8.92 -23.64 -6.25
C ASN A 204 -9.25 -23.42 -4.78
N SER A 205 -10.24 -24.14 -4.25
CA SER A 205 -10.65 -23.97 -2.86
C SER A 205 -9.53 -24.27 -1.86
N THR A 206 -8.67 -25.23 -2.18
CA THR A 206 -7.58 -25.59 -1.28
C THR A 206 -6.64 -24.39 -1.14
N VAL A 207 -6.32 -23.75 -2.26
CA VAL A 207 -5.43 -22.59 -2.27
C VAL A 207 -6.10 -21.40 -1.60
N ASP A 208 -7.36 -21.16 -1.97
CA ASP A 208 -8.14 -20.06 -1.40
C ASP A 208 -8.15 -20.09 0.13
N VAL A 209 -8.59 -21.22 0.68
CA VAL A 209 -8.68 -21.40 2.13
C VAL A 209 -7.31 -21.39 2.81
N TYR A 210 -6.32 -22.02 2.18
CA TYR A 210 -4.98 -22.09 2.72
C TYR A 210 -4.36 -20.72 2.96
N LEU A 211 -4.43 -19.85 1.95
CA LEU A 211 -3.86 -18.51 2.05
C LEU A 211 -4.57 -17.62 3.05
N LYS A 212 -5.88 -17.83 3.19
CA LYS A 212 -6.66 -17.04 4.14
C LYS A 212 -6.44 -17.49 5.58
N ASP A 213 -6.09 -18.76 5.77
CA ASP A 213 -5.81 -19.25 7.12
C ASP A 213 -4.38 -18.87 7.50
N ALA A 214 -3.50 -18.87 6.51
CA ALA A 214 -2.10 -18.52 6.74
C ALA A 214 -1.95 -17.08 7.21
N ILE A 215 -2.62 -16.14 6.53
CA ILE A 215 -2.53 -14.74 6.90
C ILE A 215 -3.09 -14.48 8.30
N LYS A 216 -4.09 -15.25 8.71
CA LYS A 216 -4.67 -15.09 10.03
C LYS A 216 -3.66 -15.45 11.11
N MET A 217 -2.73 -16.34 10.79
CA MET A 217 -1.70 -16.74 11.75
C MET A 217 -0.82 -15.54 12.08
N TRP A 218 -0.40 -14.83 11.04
CA TRP A 218 0.47 -13.68 11.22
C TRP A 218 -0.26 -12.52 11.87
N LEU A 219 -1.57 -12.44 11.66
CA LEU A 219 -2.35 -11.41 12.29
C LEU A 219 -2.38 -11.67 13.78
N ASP A 220 -2.46 -12.94 14.16
CA ASP A 220 -2.49 -13.33 15.57
C ASP A 220 -1.12 -13.12 16.22
N LEU A 221 -0.06 -13.10 15.41
CA LEU A 221 1.28 -12.87 15.93
C LEU A 221 1.50 -11.38 16.23
N GLY A 222 0.52 -10.58 15.84
CA GLY A 222 0.57 -9.15 16.14
C GLY A 222 1.12 -8.16 15.14
N ILE A 223 1.12 -8.50 13.85
CA ILE A 223 1.62 -7.55 12.85
C ILE A 223 0.67 -6.35 12.78
N ASP A 224 1.21 -5.22 12.34
CA ASP A 224 0.45 -3.98 12.26
C ASP A 224 0.03 -3.63 10.84
N GLY A 225 0.70 -4.22 9.86
CA GLY A 225 0.37 -3.94 8.47
C GLY A 225 0.79 -5.04 7.50
N ILE A 226 0.38 -4.90 6.25
CA ILE A 226 0.71 -5.89 5.23
C ILE A 226 0.98 -5.24 3.87
N ARG A 227 2.10 -5.59 3.25
CA ARG A 227 2.37 -5.10 1.90
C ARG A 227 2.13 -6.27 0.96
N MET A 228 1.07 -6.17 0.17
CA MET A 228 0.75 -7.23 -0.78
C MET A 228 1.63 -7.14 -2.02
N ASP A 229 2.30 -8.24 -2.32
CA ASP A 229 3.19 -8.31 -3.47
C ASP A 229 2.46 -8.63 -4.77
N ALA A 230 2.87 -7.96 -5.85
CA ALA A 230 2.31 -8.20 -7.17
C ALA A 230 0.78 -8.32 -7.22
N VAL A 231 0.09 -7.34 -6.64
CA VAL A 231 -1.38 -7.36 -6.63
C VAL A 231 -1.93 -7.16 -8.03
N LYS A 232 -1.07 -6.70 -8.93
CA LYS A 232 -1.43 -6.46 -10.32
C LYS A 232 -1.52 -7.78 -11.09
N HIS A 233 -1.03 -8.86 -10.47
CA HIS A 233 -1.00 -10.17 -11.11
C HIS A 233 -1.95 -11.21 -10.52
N MET A 234 -2.85 -10.78 -9.66
CA MET A 234 -3.84 -11.69 -9.06
C MET A 234 -5.23 -11.16 -9.36
N PRO A 235 -6.24 -12.06 -9.39
CA PRO A 235 -7.62 -11.63 -9.67
C PRO A 235 -8.04 -10.57 -8.64
N PHE A 236 -8.58 -9.45 -9.11
CA PHE A 236 -8.99 -8.39 -8.19
C PHE A 236 -10.16 -8.86 -7.34
N GLY A 237 -11.02 -9.69 -7.93
CA GLY A 237 -12.15 -10.22 -7.19
C GLY A 237 -11.71 -11.04 -6.00
N TRP A 238 -10.70 -11.88 -6.20
CA TRP A 238 -10.21 -12.72 -5.12
C TRP A 238 -9.56 -11.88 -4.03
N GLN A 239 -8.77 -10.88 -4.44
CA GLN A 239 -8.09 -10.04 -3.49
C GLN A 239 -9.07 -9.27 -2.62
N LYS A 240 -10.21 -8.90 -3.19
CA LYS A 240 -11.22 -8.18 -2.42
C LYS A 240 -11.81 -9.13 -1.36
N SER A 241 -11.99 -10.40 -1.72
CA SER A 241 -12.52 -11.38 -0.79
C SER A 241 -11.46 -11.69 0.27
N PHE A 242 -10.20 -11.49 -0.11
CA PHE A 242 -9.09 -11.71 0.80
C PHE A 242 -8.99 -10.55 1.80
N MET A 243 -9.24 -9.34 1.33
CA MET A 243 -9.21 -8.17 2.22
C MET A 243 -10.36 -8.21 3.20
N ALA A 244 -11.45 -8.85 2.78
CA ALA A 244 -12.63 -8.98 3.63
C ALA A 244 -12.32 -9.99 4.74
N ALA A 245 -11.53 -11.00 4.41
CA ALA A 245 -11.14 -12.02 5.39
C ALA A 245 -10.31 -11.35 6.48
N VAL A 246 -9.41 -10.47 6.05
CA VAL A 246 -8.55 -9.73 6.97
C VAL A 246 -9.34 -8.70 7.78
N ASN A 247 -10.15 -7.88 7.10
CA ASN A 247 -10.93 -6.85 7.78
C ASN A 247 -12.05 -7.35 8.69
N ASN A 248 -12.59 -8.53 8.40
CA ASN A 248 -13.66 -9.06 9.23
C ASN A 248 -13.11 -9.89 10.39
N TYR A 249 -11.78 -10.00 10.47
CA TYR A 249 -11.13 -10.74 11.54
C TYR A 249 -10.31 -9.78 12.42
N LYS A 250 -9.16 -9.35 11.91
CA LYS A 250 -8.30 -8.39 12.59
C LYS A 250 -7.80 -7.37 11.58
N PRO A 251 -8.51 -6.26 11.43
CA PRO A 251 -8.14 -5.20 10.49
C PRO A 251 -6.73 -4.64 10.67
N VAL A 252 -5.98 -4.56 9.58
CA VAL A 252 -4.64 -3.97 9.61
C VAL A 252 -4.43 -3.23 8.30
N PHE A 253 -3.72 -2.11 8.36
CA PHE A 253 -3.43 -1.31 7.18
C PHE A 253 -2.74 -2.17 6.12
N THR A 254 -3.35 -2.26 4.94
CA THR A 254 -2.78 -3.06 3.86
C THR A 254 -2.65 -2.26 2.56
N PHE A 255 -1.51 -2.42 1.89
CA PHE A 255 -1.28 -1.76 0.62
C PHE A 255 -0.54 -2.72 -0.30
N GLY A 256 -0.93 -2.71 -1.57
CA GLY A 256 -0.31 -3.62 -2.52
C GLY A 256 0.59 -2.94 -3.53
N GLU A 257 1.39 -3.76 -4.21
CA GLU A 257 2.31 -3.25 -5.22
C GLU A 257 1.74 -3.38 -6.63
N TRP A 258 1.42 -2.24 -7.24
CA TRP A 258 0.95 -2.20 -8.61
C TRP A 258 1.95 -1.37 -9.38
N PHE A 259 2.94 -2.03 -9.97
CA PHE A 259 4.01 -1.35 -10.69
C PHE A 259 3.52 -0.50 -11.86
N LEU A 260 3.97 0.76 -11.87
CA LEU A 260 3.66 1.70 -12.94
C LEU A 260 4.99 2.26 -13.44
N GLY A 261 5.11 2.39 -14.75
CA GLY A 261 6.34 2.93 -15.32
C GLY A 261 6.26 4.44 -15.42
N VAL A 262 7.28 5.05 -16.01
CA VAL A 262 7.32 6.49 -16.18
C VAL A 262 6.16 6.96 -17.07
N ASN A 263 5.51 8.04 -16.67
CA ASN A 263 4.41 8.61 -17.43
C ASN A 263 3.23 7.66 -17.62
N GLU A 264 3.15 6.61 -16.81
CA GLU A 264 2.04 5.67 -16.94
C GLU A 264 0.94 5.96 -15.92
N VAL A 265 -0.28 6.19 -16.41
CA VAL A 265 -1.43 6.44 -15.54
C VAL A 265 -2.50 5.42 -15.92
N SER A 266 -2.73 4.46 -15.03
CA SER A 266 -3.67 3.39 -15.28
C SER A 266 -5.00 3.55 -14.54
N PRO A 267 -6.12 3.61 -15.29
CA PRO A 267 -7.46 3.76 -14.69
C PRO A 267 -7.80 2.54 -13.84
N GLU A 268 -7.23 1.39 -14.19
CA GLU A 268 -7.44 0.15 -13.44
C GLU A 268 -6.75 0.25 -12.09
N ASN A 269 -5.57 0.85 -12.07
CA ASN A 269 -4.81 1.03 -10.85
C ASN A 269 -5.64 1.85 -9.86
N HIS A 270 -6.31 2.88 -10.36
CA HIS A 270 -7.14 3.75 -9.55
C HIS A 270 -8.35 3.00 -9.00
N LYS A 271 -9.03 2.28 -9.87
CA LYS A 271 -10.22 1.53 -9.50
C LYS A 271 -9.91 0.48 -8.44
N PHE A 272 -8.72 -0.10 -8.52
CA PHE A 272 -8.29 -1.11 -7.56
C PHE A 272 -8.05 -0.49 -6.18
N ALA A 273 -7.49 0.72 -6.15
CA ALA A 273 -7.22 1.40 -4.90
C ALA A 273 -8.51 1.92 -4.25
N ASN A 274 -9.51 2.21 -5.07
CA ASN A 274 -10.76 2.75 -4.56
C ASN A 274 -11.80 1.74 -4.09
N GLU A 275 -11.74 0.50 -4.58
CA GLU A 275 -12.75 -0.47 -4.16
C GLU A 275 -12.30 -1.90 -3.89
N SER A 276 -10.99 -2.12 -3.72
CA SER A 276 -10.49 -3.46 -3.45
C SER A 276 -10.41 -3.73 -1.94
N GLY A 277 -10.27 -2.67 -1.16
CA GLY A 277 -10.16 -2.83 0.28
C GLY A 277 -8.77 -2.51 0.79
N MET A 278 -7.83 -2.32 -0.12
CA MET A 278 -6.46 -1.98 0.24
C MET A 278 -6.01 -0.78 -0.57
N SER A 279 -4.96 -0.10 -0.11
CA SER A 279 -4.43 1.04 -0.85
C SER A 279 -3.28 0.51 -1.71
N LEU A 280 -2.49 1.40 -2.30
CA LEU A 280 -1.39 0.96 -3.15
C LEU A 280 -0.13 1.78 -2.93
N LEU A 281 1.00 1.21 -3.37
CA LEU A 281 2.27 1.93 -3.33
C LEU A 281 2.12 2.95 -4.44
N ASP A 282 2.44 4.21 -4.15
CA ASP A 282 2.26 5.26 -5.13
C ASP A 282 3.40 5.33 -6.15
N PHE A 283 3.32 4.50 -7.19
CA PHE A 283 4.35 4.49 -8.24
C PHE A 283 4.23 5.73 -9.12
N ARG A 284 3.03 6.29 -9.20
CA ARG A 284 2.80 7.48 -9.99
C ARG A 284 3.55 8.65 -9.38
N PHE A 285 3.56 8.69 -8.05
CA PHE A 285 4.25 9.73 -7.29
C PHE A 285 5.77 9.51 -7.37
N ALA A 286 6.19 8.28 -7.14
CA ALA A 286 7.62 7.92 -7.18
C ALA A 286 8.28 8.21 -8.52
N GLN A 287 7.64 7.79 -9.61
CA GLN A 287 8.20 8.00 -10.94
C GLN A 287 8.30 9.48 -11.31
N LYS A 288 7.30 10.25 -10.92
CA LYS A 288 7.30 11.68 -11.23
C LYS A 288 8.38 12.42 -10.45
N VAL A 289 8.55 12.05 -9.18
CA VAL A 289 9.56 12.66 -8.32
C VAL A 289 10.94 12.40 -8.92
N ARG A 290 11.13 11.20 -9.45
CA ARG A 290 12.40 10.84 -10.08
C ARG A 290 12.66 11.72 -11.30
N GLN A 291 11.61 11.96 -12.09
CA GLN A 291 11.73 12.79 -13.28
C GLN A 291 12.11 14.24 -12.95
N VAL A 292 11.54 14.76 -11.88
CA VAL A 292 11.77 16.15 -11.51
C VAL A 292 13.02 16.40 -10.67
N PHE A 293 13.31 15.51 -9.74
CA PHE A 293 14.46 15.67 -8.84
C PHE A 293 15.70 14.86 -9.19
N ARG A 294 15.52 13.75 -9.91
CA ARG A 294 16.66 12.89 -10.23
C ARG A 294 17.15 12.99 -11.68
N ASP A 295 16.29 12.63 -12.62
CA ASP A 295 16.66 12.63 -14.03
C ASP A 295 16.40 13.93 -14.77
N ASN A 296 15.60 14.81 -14.18
CA ASN A 296 15.29 16.10 -14.78
C ASN A 296 14.64 15.96 -16.16
N THR A 297 13.70 15.03 -16.29
CA THR A 297 12.99 14.82 -17.54
C THR A 297 11.59 15.42 -17.50
N ASP A 298 11.34 16.22 -16.47
CA ASP A 298 10.07 16.94 -16.30
C ASP A 298 10.29 18.01 -15.25
N ASN A 299 9.46 19.05 -15.27
CA ASN A 299 9.62 20.14 -14.31
C ASN A 299 8.57 20.17 -13.21
N MET A 300 8.57 21.26 -12.43
CA MET A 300 7.64 21.41 -11.32
C MET A 300 6.17 21.46 -11.75
N TYR A 301 5.93 21.80 -13.00
CA TYR A 301 4.56 21.86 -13.49
C TYR A 301 4.01 20.45 -13.64
N GLY A 302 4.91 19.51 -13.92
CA GLY A 302 4.50 18.12 -14.06
C GLY A 302 4.29 17.50 -12.69
N LEU A 303 5.04 17.99 -11.72
CA LEU A 303 4.93 17.50 -10.35
C LEU A 303 3.59 17.99 -9.78
N LYS A 304 3.23 19.23 -10.14
CA LYS A 304 1.97 19.82 -9.67
C LYS A 304 0.77 19.07 -10.24
N ALA A 305 0.82 18.73 -11.52
CA ALA A 305 -0.25 18.02 -12.18
C ALA A 305 -0.46 16.64 -11.55
N MET A 306 0.64 16.00 -11.17
CA MET A 306 0.59 14.69 -10.53
C MET A 306 -0.10 14.79 -9.18
N LEU A 307 0.26 15.81 -8.40
CA LEU A 307 -0.32 16.01 -7.08
C LEU A 307 -1.83 16.30 -7.18
N GLU A 308 -2.20 17.21 -8.07
CA GLU A 308 -3.60 17.58 -8.26
C GLU A 308 -4.41 16.45 -8.88
N GLY A 309 -3.82 15.77 -9.86
CA GLY A 309 -4.50 14.66 -10.50
C GLY A 309 -4.76 13.49 -9.56
N SER A 310 -3.70 13.04 -8.88
CA SER A 310 -3.84 11.92 -7.96
C SER A 310 -4.86 12.16 -6.85
N ALA A 311 -4.92 13.40 -6.36
CA ALA A 311 -5.86 13.73 -5.29
C ALA A 311 -7.30 13.59 -5.77
N ALA A 312 -7.47 13.55 -7.09
CA ALA A 312 -8.80 13.43 -7.68
C ALA A 312 -9.13 11.98 -8.08
N ASP A 313 -8.11 11.23 -8.48
CA ASP A 313 -8.30 9.84 -8.91
C ASP A 313 -8.38 8.86 -7.74
N TYR A 314 -7.65 9.13 -6.68
CA TYR A 314 -7.66 8.25 -5.50
C TYR A 314 -8.66 8.76 -4.47
N ALA A 315 -9.65 7.93 -4.16
CA ALA A 315 -10.69 8.28 -3.19
C ALA A 315 -10.05 8.59 -1.83
N GLN A 316 -9.00 7.84 -1.49
CA GLN A 316 -8.26 8.05 -0.26
C GLN A 316 -6.78 8.20 -0.62
N VAL A 317 -6.42 9.34 -1.19
CA VAL A 317 -5.04 9.58 -1.60
C VAL A 317 -4.10 9.53 -0.39
N ASP A 318 -4.65 9.76 0.80
CA ASP A 318 -3.84 9.76 2.02
C ASP A 318 -3.41 8.38 2.49
N ASP A 319 -3.86 7.33 1.80
CA ASP A 319 -3.49 5.97 2.16
C ASP A 319 -2.44 5.38 1.21
N GLN A 320 -2.17 6.09 0.11
CA GLN A 320 -1.18 5.62 -0.85
C GLN A 320 0.22 5.77 -0.26
N VAL A 321 1.03 4.73 -0.37
CA VAL A 321 2.38 4.75 0.20
C VAL A 321 3.41 5.30 -0.80
N THR A 322 4.00 6.44 -0.44
CA THR A 322 4.96 7.12 -1.30
C THR A 322 6.40 6.67 -1.07
N PHE A 323 7.24 6.89 -2.08
CA PHE A 323 8.65 6.52 -2.02
C PHE A 323 9.38 7.12 -3.24
N ILE A 324 10.71 7.04 -3.23
CA ILE A 324 11.49 7.57 -4.35
C ILE A 324 12.33 6.47 -5.01
N ASP A 325 12.34 5.29 -4.39
CA ASP A 325 13.03 4.13 -4.94
C ASP A 325 12.77 2.91 -4.07
N ASN A 326 13.20 1.74 -4.54
CA ASN A 326 13.03 0.51 -3.78
C ASN A 326 13.92 -0.60 -4.35
N HIS A 327 13.66 -1.82 -3.92
CA HIS A 327 14.45 -2.98 -4.33
C HIS A 327 14.30 -3.39 -5.80
N ASP A 328 13.39 -2.75 -6.53
CA ASP A 328 13.19 -3.07 -7.94
C ASP A 328 13.60 -1.91 -8.86
N MET A 329 14.25 -0.91 -8.29
CA MET A 329 14.70 0.26 -9.05
C MET A 329 16.12 0.64 -8.70
N GLU A 330 16.75 1.43 -9.56
CA GLU A 330 18.10 1.91 -9.31
C GLU A 330 18.03 2.80 -8.09
N ARG A 331 19.05 2.78 -7.24
CA ARG A 331 19.08 3.64 -6.07
C ARG A 331 18.89 5.07 -6.57
N PHE A 332 18.11 5.87 -5.84
CA PHE A 332 17.86 7.25 -6.25
C PHE A 332 19.16 8.02 -6.40
N HIS A 333 20.09 7.83 -5.47
CA HIS A 333 21.36 8.53 -5.50
C HIS A 333 22.36 7.93 -6.48
N ALA A 334 22.73 8.72 -7.50
CA ALA A 334 23.73 8.29 -8.47
C ALA A 334 25.08 8.64 -7.86
N SER A 335 26.01 7.69 -7.90
CA SER A 335 27.33 7.87 -7.31
C SER A 335 28.04 9.19 -7.63
N ASN A 336 27.71 9.79 -8.76
CA ASN A 336 28.34 11.04 -9.18
C ASN A 336 27.44 12.27 -9.04
N ALA A 337 26.15 12.04 -8.75
CA ALA A 337 25.20 13.15 -8.63
C ALA A 337 25.39 13.94 -7.35
N ASN A 338 24.81 15.14 -7.34
CA ASN A 338 24.86 16.02 -6.17
C ASN A 338 23.93 15.43 -5.12
N ARG A 339 24.36 15.42 -3.87
CA ARG A 339 23.55 14.86 -2.79
C ARG A 339 22.30 15.66 -2.46
N ARG A 340 22.32 16.96 -2.77
CA ARG A 340 21.16 17.80 -2.47
C ARG A 340 19.89 17.33 -3.18
N LYS A 341 20.06 16.58 -4.27
CA LYS A 341 18.90 16.09 -5.01
C LYS A 341 18.17 15.01 -4.23
N LEU A 342 18.92 14.11 -3.59
CA LEU A 342 18.30 13.05 -2.79
C LEU A 342 17.66 13.68 -1.56
N GLU A 343 18.36 14.66 -0.98
CA GLU A 343 17.87 15.36 0.21
C GLU A 343 16.55 16.08 -0.05
N GLN A 344 16.45 16.78 -1.17
CA GLN A 344 15.21 17.49 -1.50
C GLN A 344 14.08 16.50 -1.74
N ALA A 345 14.39 15.39 -2.41
CA ALA A 345 13.39 14.36 -2.69
C ALA A 345 12.84 13.81 -1.36
N LEU A 346 13.71 13.64 -0.38
CA LEU A 346 13.31 13.14 0.93
C LEU A 346 12.42 14.15 1.64
N ALA A 347 12.83 15.41 1.64
CA ALA A 347 12.07 16.48 2.27
C ALA A 347 10.69 16.60 1.62
N PHE A 348 10.64 16.49 0.31
CA PHE A 348 9.38 16.57 -0.43
C PHE A 348 8.44 15.44 -0.04
N THR A 349 8.97 14.23 -0.05
CA THR A 349 8.21 13.02 0.27
C THR A 349 7.70 12.99 1.71
N LEU A 350 8.56 13.36 2.66
CA LEU A 350 8.18 13.35 4.06
C LEU A 350 7.08 14.35 4.43
N THR A 351 6.96 15.42 3.65
CA THR A 351 5.94 16.44 3.93
C THR A 351 4.76 16.41 2.95
N SER A 352 4.72 15.38 2.10
CA SER A 352 3.63 15.26 1.14
C SER A 352 2.55 14.30 1.65
N ARG A 353 1.40 14.30 0.99
CA ARG A 353 0.28 13.44 1.39
C ARG A 353 0.61 11.95 1.21
N GLY A 354 -0.07 11.11 1.99
CA GLY A 354 0.14 9.68 1.90
C GLY A 354 0.96 9.13 3.05
N VAL A 355 1.56 7.96 2.84
CA VAL A 355 2.39 7.32 3.86
C VAL A 355 3.81 7.17 3.31
N PRO A 356 4.75 7.99 3.80
CA PRO A 356 6.15 7.95 3.35
C PRO A 356 6.83 6.62 3.66
N ALA A 357 7.58 6.12 2.69
CA ALA A 357 8.34 4.89 2.86
C ALA A 357 9.77 5.14 2.41
N ILE A 358 10.73 4.88 3.30
CA ILE A 358 12.14 5.07 2.99
C ILE A 358 12.84 3.72 2.82
N TYR A 359 13.55 3.57 1.70
CA TYR A 359 14.28 2.33 1.42
C TYR A 359 15.58 2.37 2.24
N TYR A 360 15.86 1.29 2.96
CA TYR A 360 17.05 1.24 3.83
C TYR A 360 18.32 1.68 3.10
N GLY A 361 19.16 2.43 3.81
CA GLY A 361 20.42 2.88 3.22
C GLY A 361 20.32 4.22 2.52
N THR A 362 19.10 4.67 2.24
CA THR A 362 18.89 5.95 1.57
C THR A 362 19.58 7.06 2.37
N GLU A 363 19.40 7.04 3.69
CA GLU A 363 20.00 8.03 4.58
C GLU A 363 21.52 7.95 4.59
N GLN A 364 22.07 6.88 4.03
CA GLN A 364 23.52 6.70 3.96
C GLN A 364 24.08 6.95 2.57
N TYR A 365 23.23 7.44 1.66
CA TYR A 365 23.64 7.77 0.30
C TYR A 365 24.11 6.58 -0.52
N MET A 366 23.48 5.43 -0.31
CA MET A 366 23.84 4.22 -1.06
C MET A 366 23.46 4.38 -2.53
N SER A 367 24.34 3.89 -3.41
CA SER A 367 24.12 3.94 -4.84
C SER A 367 23.98 2.51 -5.34
N GLY A 368 23.47 2.35 -6.56
CA GLY A 368 23.33 1.00 -7.08
C GLY A 368 22.36 0.89 -8.23
N GLY A 369 22.72 0.08 -9.21
CA GLY A 369 21.86 -0.12 -10.35
C GLY A 369 20.70 -1.03 -9.99
N THR A 370 20.13 -1.68 -10.99
CA THR A 370 19.00 -2.57 -10.77
C THR A 370 19.41 -3.82 -9.99
N ASP A 371 18.40 -4.59 -9.60
CA ASP A 371 18.59 -5.84 -8.87
C ASP A 371 19.73 -6.67 -9.45
N PRO A 372 20.66 -7.14 -8.60
CA PRO A 372 20.73 -6.99 -7.14
C PRO A 372 21.63 -5.86 -6.60
N ASP A 373 22.22 -5.07 -7.49
CA ASP A 373 23.11 -3.98 -7.07
C ASP A 373 22.47 -2.95 -6.15
N ASN A 374 21.14 -2.89 -6.17
CA ASN A 374 20.40 -1.95 -5.33
C ASN A 374 20.04 -2.58 -3.98
N ARG A 375 20.62 -3.74 -3.71
CA ARG A 375 20.34 -4.47 -2.47
C ARG A 375 21.61 -4.84 -1.70
N ALA A 376 22.59 -3.93 -1.70
CA ALA A 376 23.85 -4.17 -1.01
C ALA A 376 23.66 -4.01 0.50
N ARG A 377 24.61 -4.52 1.28
CA ARG A 377 24.54 -4.40 2.73
C ARG A 377 24.73 -2.94 3.11
N ILE A 378 23.93 -2.44 4.06
CA ILE A 378 24.06 -1.07 4.51
C ILE A 378 25.49 -0.89 5.03
N PRO A 379 26.24 0.05 4.44
CA PRO A 379 27.64 0.35 4.80
C PRO A 379 27.94 0.86 6.21
N SER A 380 27.01 1.60 6.81
CA SER A 380 27.26 2.14 8.15
C SER A 380 25.98 2.60 8.84
N PHE A 381 26.07 2.79 10.15
CA PHE A 381 24.94 3.24 10.95
C PHE A 381 25.27 4.60 11.55
N SER A 382 25.75 5.50 10.70
CA SER A 382 26.11 6.85 11.11
C SER A 382 24.89 7.74 11.15
N THR A 383 24.81 8.60 12.17
CA THR A 383 23.68 9.52 12.33
C THR A 383 24.12 10.93 11.95
N SER A 384 25.34 11.05 11.42
CA SER A 384 25.88 12.36 11.07
C SER A 384 25.69 12.81 9.63
N THR A 385 25.03 11.99 8.81
CA THR A 385 24.79 12.37 7.44
C THR A 385 23.69 13.42 7.40
N THR A 386 23.69 14.25 6.36
CA THR A 386 22.67 15.30 6.23
C THR A 386 21.27 14.69 5.99
N ALA A 387 21.22 13.60 5.23
CA ALA A 387 19.94 12.96 4.93
C ALA A 387 19.31 12.38 6.20
N TYR A 388 20.15 11.84 7.08
CA TYR A 388 19.67 11.27 8.34
C TYR A 388 19.01 12.36 9.17
N GLN A 389 19.64 13.53 9.22
CA GLN A 389 19.13 14.66 9.98
C GLN A 389 17.86 15.25 9.37
N VAL A 390 17.76 15.25 8.05
CA VAL A 390 16.57 15.77 7.37
C VAL A 390 15.35 14.94 7.79
N ILE A 391 15.52 13.62 7.80
CA ILE A 391 14.45 12.70 8.20
C ILE A 391 14.15 12.90 9.67
N GLN A 392 15.20 13.14 10.45
CA GLN A 392 15.10 13.35 11.88
C GLN A 392 14.27 14.60 12.21
N LYS A 393 14.41 15.63 11.39
CA LYS A 393 13.69 16.89 11.59
C LYS A 393 12.24 16.85 11.09
N LEU A 394 12.02 16.22 9.94
CA LEU A 394 10.70 16.18 9.34
C LEU A 394 9.80 15.01 9.71
N ALA A 395 10.38 13.85 10.00
CA ALA A 395 9.58 12.68 10.36
C ALA A 395 8.59 12.97 11.49
N PRO A 396 9.07 13.52 12.61
CA PRO A 396 8.19 13.83 13.74
C PRO A 396 7.00 14.74 13.41
N LEU A 397 7.13 15.53 12.35
CA LEU A 397 6.07 16.46 11.98
C LEU A 397 4.76 15.78 11.58
N ARG A 398 4.85 14.53 11.14
CA ARG A 398 3.65 13.80 10.76
C ARG A 398 2.86 13.39 12.01
N LYS A 399 3.54 13.37 13.15
CA LYS A 399 2.91 13.03 14.43
C LYS A 399 2.34 14.26 15.14
N CYS A 400 3.03 15.40 15.02
CA CYS A 400 2.61 16.62 15.70
C CYS A 400 1.86 17.66 14.85
N ASN A 401 1.92 17.52 13.53
CA ASN A 401 1.22 18.45 12.65
C ASN A 401 0.27 17.68 11.76
N PRO A 402 -1.01 17.58 12.16
CA PRO A 402 -2.01 16.86 11.38
C PRO A 402 -2.23 17.43 9.97
N ALA A 403 -1.68 18.60 9.70
CA ALA A 403 -1.81 19.20 8.38
C ALA A 403 -0.98 18.40 7.38
N ILE A 404 0.10 17.81 7.86
CA ILE A 404 0.98 17.01 7.02
C ILE A 404 0.46 15.58 6.88
N ALA A 405 -0.13 15.06 7.94
CA ALA A 405 -0.67 13.70 7.93
C ALA A 405 -2.01 13.57 7.19
N TYR A 406 -2.92 14.52 7.41
CA TYR A 406 -4.25 14.46 6.80
C TYR A 406 -4.59 15.66 5.94
N GLY A 407 -3.71 16.65 5.89
CA GLY A 407 -3.99 17.86 5.15
C GLY A 407 -4.09 17.80 3.64
N SER A 408 -4.84 18.75 3.09
CA SER A 408 -4.99 18.89 1.65
C SER A 408 -3.71 19.50 1.12
N THR A 409 -3.55 19.49 -0.19
CA THR A 409 -2.36 20.05 -0.81
C THR A 409 -2.76 21.16 -1.77
N GLN A 410 -2.02 22.27 -1.72
CA GLN A 410 -2.32 23.39 -2.62
C GLN A 410 -1.06 24.12 -3.08
N GLU A 411 -0.98 24.36 -4.39
CA GLU A 411 0.13 25.09 -4.98
C GLU A 411 -0.07 26.57 -4.70
N ARG A 412 0.95 27.22 -4.12
CA ARG A 412 0.84 28.64 -3.80
C ARG A 412 1.85 29.50 -4.56
N TRP A 413 2.86 28.84 -5.13
CA TRP A 413 3.87 29.54 -5.93
C TRP A 413 4.56 28.47 -6.78
N ILE A 414 4.84 28.79 -8.03
CA ILE A 414 5.46 27.81 -8.91
C ILE A 414 6.05 28.37 -10.20
N ASN A 415 7.07 27.68 -10.69
CA ASN A 415 7.70 27.98 -11.97
C ASN A 415 8.46 26.71 -12.37
N ASN A 416 9.32 26.78 -13.37
CA ASN A 416 10.04 25.59 -13.82
C ASN A 416 10.76 24.80 -12.73
N ASP A 417 11.49 25.51 -11.88
CA ASP A 417 12.30 24.85 -10.86
C ASP A 417 11.83 25.02 -9.42
N VAL A 418 10.87 25.92 -9.20
CA VAL A 418 10.40 26.16 -7.85
C VAL A 418 8.97 25.71 -7.59
N LEU A 419 8.75 25.14 -6.42
CA LEU A 419 7.42 24.72 -6.02
C LEU A 419 7.22 24.99 -4.53
N ILE A 420 6.19 25.77 -4.23
CA ILE A 420 5.85 26.08 -2.84
C ILE A 420 4.42 25.62 -2.65
N TYR A 421 4.22 24.60 -1.82
CA TYR A 421 2.88 24.09 -1.57
C TYR A 421 2.48 24.21 -0.10
N GLU A 422 1.18 24.19 0.13
CA GLU A 422 0.66 24.33 1.48
C GLU A 422 -0.20 23.14 1.89
N ARG A 423 0.07 22.60 3.07
CA ARG A 423 -0.72 21.50 3.63
C ARG A 423 -1.61 22.14 4.69
N LYS A 424 -2.89 21.82 4.68
CA LYS A 424 -3.82 22.42 5.63
C LYS A 424 -4.83 21.40 6.16
N PHE A 425 -5.06 21.44 7.47
CA PHE A 425 -6.03 20.55 8.12
C PHE A 425 -6.48 21.19 9.41
N GLY A 426 -7.69 21.75 9.40
CA GLY A 426 -8.19 22.41 10.59
C GLY A 426 -7.37 23.65 10.87
N SER A 427 -6.97 23.83 12.13
CA SER A 427 -6.17 24.99 12.53
C SER A 427 -4.68 24.67 12.42
N ASN A 428 -4.32 23.85 11.44
CA ASN A 428 -2.93 23.45 11.24
C ASN A 428 -2.48 23.74 9.82
N VAL A 429 -1.29 24.33 9.70
CA VAL A 429 -0.75 24.70 8.40
C VAL A 429 0.73 24.38 8.27
N ALA A 430 1.13 23.99 7.07
CA ALA A 430 2.52 23.69 6.77
C ALA A 430 2.79 24.17 5.34
N VAL A 431 3.83 24.98 5.19
CA VAL A 431 4.21 25.51 3.89
C VAL A 431 5.61 25.02 3.60
N VAL A 432 5.79 24.40 2.43
CA VAL A 432 7.09 23.87 2.03
C VAL A 432 7.56 24.50 0.73
N ALA A 433 8.80 24.99 0.72
CA ALA A 433 9.35 25.61 -0.48
C ALA A 433 10.55 24.79 -0.97
N VAL A 434 10.55 24.47 -2.25
CA VAL A 434 11.63 23.70 -2.85
C VAL A 434 12.12 24.32 -4.15
N ASN A 435 13.44 24.41 -4.30
CA ASN A 435 14.06 24.94 -5.50
C ASN A 435 15.02 23.90 -6.04
N ARG A 436 14.59 23.13 -7.04
CA ARG A 436 15.41 22.08 -7.62
C ARG A 436 16.66 22.58 -8.34
N ASN A 437 16.61 23.81 -8.82
CA ASN A 437 17.76 24.38 -9.52
C ASN A 437 18.92 24.52 -8.55
N LEU A 438 19.99 23.76 -8.78
CA LEU A 438 21.15 23.78 -7.89
C LEU A 438 22.15 24.90 -8.18
N ASN A 439 21.95 25.64 -9.27
CA ASN A 439 22.86 26.72 -9.61
C ASN A 439 22.23 28.10 -9.64
N ALA A 440 20.91 28.18 -9.59
CA ALA A 440 20.25 29.47 -9.65
C ALA A 440 19.25 29.73 -8.53
N PRO A 441 19.38 30.88 -7.84
CA PRO A 441 18.47 31.26 -6.75
C PRO A 441 17.16 31.71 -7.38
N ALA A 442 16.12 31.89 -6.57
CA ALA A 442 14.83 32.32 -7.09
C ALA A 442 14.25 33.45 -6.27
N SER A 443 13.77 34.48 -6.94
CA SER A 443 13.17 35.63 -6.28
C SER A 443 11.68 35.38 -6.08
N ILE A 444 11.30 34.99 -4.87
CA ILE A 444 9.90 34.71 -4.56
C ILE A 444 9.16 35.93 -4.03
N SER A 445 8.21 36.42 -4.83
CA SER A 445 7.39 37.55 -4.43
C SER A 445 5.95 37.29 -4.83
N GLY A 446 5.01 37.67 -3.97
CA GLY A 446 3.60 37.45 -4.26
C GLY A 446 3.10 36.15 -3.67
N LEU A 447 3.82 35.62 -2.68
CA LEU A 447 3.43 34.38 -2.03
C LEU A 447 2.36 34.65 -0.97
N VAL A 448 1.25 33.92 -1.08
CA VAL A 448 0.14 34.07 -0.13
C VAL A 448 -0.05 32.72 0.57
N THR A 449 -0.27 32.75 1.88
CA THR A 449 -0.46 31.52 2.65
C THR A 449 -1.58 31.65 3.67
N SER A 450 -1.85 30.56 4.38
CA SER A 450 -2.89 30.55 5.41
C SER A 450 -2.24 30.75 6.77
N LEU A 451 -0.95 31.06 6.77
CA LEU A 451 -0.21 31.27 8.00
C LEU A 451 -0.59 32.59 8.65
N PRO A 452 -0.74 32.59 9.98
CA PRO A 452 -1.09 33.82 10.70
C PRO A 452 0.08 34.81 10.69
N GLN A 453 -0.24 36.10 10.77
CA GLN A 453 0.76 37.15 10.78
C GLN A 453 1.87 36.85 11.80
N GLY A 454 3.12 36.99 11.36
CA GLY A 454 4.25 36.74 12.24
C GLY A 454 5.49 36.24 11.51
N SER A 455 6.46 35.75 12.25
CA SER A 455 7.70 35.25 11.65
C SER A 455 7.86 33.75 11.91
N TYR A 456 8.26 33.02 10.88
CA TYR A 456 8.42 31.58 10.98
C TYR A 456 9.84 31.11 10.66
N ASN A 457 10.41 30.34 11.56
CA ASN A 457 11.75 29.80 11.34
C ASN A 457 11.65 28.51 10.56
N ASP A 458 12.65 28.27 9.72
CA ASP A 458 12.68 27.05 8.93
C ASP A 458 12.83 25.86 9.89
N VAL A 459 11.90 24.91 9.81
CA VAL A 459 11.93 23.73 10.66
C VAL A 459 13.22 22.93 10.46
N LEU A 460 13.75 22.96 9.24
CA LEU A 460 14.99 22.26 8.92
C LEU A 460 16.18 23.00 9.51
N GLY A 461 15.90 24.14 10.14
CA GLY A 461 16.96 24.93 10.76
C GLY A 461 18.01 25.44 9.80
N GLY A 462 17.66 25.57 8.53
CA GLY A 462 18.61 26.06 7.54
C GLY A 462 19.53 24.98 7.01
N LEU A 463 19.25 23.74 7.37
CA LEU A 463 20.05 22.59 6.96
C LEU A 463 20.18 22.51 5.43
N LEU A 464 19.08 22.80 4.74
CA LEU A 464 19.07 22.78 3.27
C LEU A 464 18.91 24.20 2.73
N ASN A 465 19.68 25.12 3.32
CA ASN A 465 19.69 26.52 2.94
C ASN A 465 18.32 27.19 2.95
N GLY A 466 17.49 26.79 3.90
CA GLY A 466 16.17 27.40 4.01
C GLY A 466 16.32 28.72 4.73
N ASN A 467 15.26 29.52 4.71
CA ASN A 467 15.31 30.83 5.36
C ASN A 467 14.08 31.07 6.23
N THR A 468 14.06 32.22 6.88
CA THR A 468 12.95 32.60 7.74
C THR A 468 11.86 33.24 6.87
N LEU A 469 10.61 33.01 7.23
CA LEU A 469 9.49 33.56 6.47
C LEU A 469 8.77 34.62 7.29
N SER A 470 8.62 35.80 6.71
CA SER A 470 7.95 36.91 7.36
C SER A 470 6.57 37.09 6.72
N VAL A 471 5.52 36.82 7.48
CA VAL A 471 4.15 36.90 6.97
C VAL A 471 3.40 38.10 7.53
N GLY A 472 2.69 38.82 6.66
CA GLY A 472 1.95 39.99 7.10
C GLY A 472 0.45 39.72 7.15
N SER A 473 -0.34 40.74 6.85
CA SER A 473 -1.80 40.60 6.87
C SER A 473 -2.27 39.80 5.67
N GLY A 474 -3.38 39.09 5.85
CA GLY A 474 -3.94 38.30 4.76
C GLY A 474 -3.05 37.16 4.34
N GLY A 475 -2.06 36.84 5.18
CA GLY A 475 -1.16 35.74 4.89
C GLY A 475 -0.14 36.06 3.81
N ALA A 476 -0.13 37.30 3.33
CA ALA A 476 0.82 37.71 2.30
C ALA A 476 2.25 37.67 2.83
N ALA A 477 3.08 36.84 2.22
CA ALA A 477 4.47 36.72 2.64
C ALA A 477 5.32 37.82 2.04
N SER A 478 6.27 38.31 2.83
CA SER A 478 7.18 39.35 2.40
C SER A 478 8.18 38.76 1.39
N ASN A 479 8.55 39.56 0.39
CA ASN A 479 9.50 39.11 -0.62
C ASN A 479 10.75 38.50 0.01
N PHE A 480 11.25 37.44 -0.62
CA PHE A 480 12.45 36.79 -0.13
C PHE A 480 13.12 36.00 -1.26
N THR A 481 14.38 35.64 -1.05
CA THR A 481 15.11 34.88 -2.04
C THR A 481 15.25 33.44 -1.60
N LEU A 482 14.97 32.51 -2.50
CA LEU A 482 15.08 31.09 -2.21
C LEU A 482 16.40 30.63 -2.82
N ALA A 483 17.36 30.35 -1.96
CA ALA A 483 18.69 29.92 -2.39
C ALA A 483 18.66 28.74 -3.35
N ALA A 484 19.75 28.59 -4.11
CA ALA A 484 19.88 27.48 -5.04
C ALA A 484 19.82 26.18 -4.24
N GLY A 485 19.11 25.19 -4.73
CA GLY A 485 18.98 23.94 -4.01
C GLY A 485 18.31 24.16 -2.65
N GLY A 486 17.66 25.31 -2.51
CA GLY A 486 16.99 25.64 -1.26
C GLY A 486 15.74 24.85 -0.94
N THR A 487 15.55 24.56 0.33
CA THR A 487 14.40 23.82 0.81
C THR A 487 14.05 24.32 2.22
N ALA A 488 12.83 24.79 2.40
CA ALA A 488 12.42 25.30 3.70
C ALA A 488 11.02 24.83 4.08
N VAL A 489 10.81 24.64 5.38
CA VAL A 489 9.52 24.21 5.90
C VAL A 489 9.07 25.15 7.02
N TRP A 490 7.89 25.74 6.85
CA TRP A 490 7.33 26.64 7.86
C TRP A 490 6.00 26.03 8.28
N GLN A 491 5.60 26.28 9.52
CA GLN A 491 4.35 25.70 10.02
C GLN A 491 3.71 26.43 11.18
N TYR A 492 2.44 26.10 11.41
CA TYR A 492 1.65 26.67 12.48
C TYR A 492 0.67 25.61 12.96
N THR A 493 0.62 25.40 14.27
CA THR A 493 -0.29 24.42 14.84
C THR A 493 -1.10 25.05 15.96
N ALA A 494 -2.34 24.60 16.09
CA ALA A 494 -3.25 25.07 17.13
C ALA A 494 -4.41 24.11 17.26
N ALA A 495 -5.06 24.12 18.42
CA ALA A 495 -6.17 23.22 18.67
C ALA A 495 -7.32 23.47 17.70
N THR A 496 -7.99 22.39 17.30
CA THR A 496 -9.14 22.46 16.40
C THR A 496 -10.40 22.36 17.25
N ALA A 497 -11.33 23.31 17.07
CA ALA A 497 -12.56 23.32 17.84
C ALA A 497 -13.69 22.54 17.19
N THR A 498 -13.70 22.50 15.87
CA THR A 498 -14.73 21.78 15.11
C THR A 498 -14.31 20.35 14.83
N PRO A 499 -15.25 19.39 14.94
CA PRO A 499 -14.91 18.00 14.66
C PRO A 499 -14.43 17.89 13.22
N THR A 500 -13.26 17.29 13.05
CA THR A 500 -12.69 17.16 11.71
C THR A 500 -12.13 15.75 11.50
N ILE A 501 -12.75 15.01 10.59
CA ILE A 501 -12.30 13.65 10.29
C ILE A 501 -11.14 13.69 9.31
N GLY A 502 -10.01 13.10 9.71
CA GLY A 502 -8.85 13.11 8.83
C GLY A 502 -8.58 11.76 8.20
N HIS A 503 -9.12 10.69 8.79
CA HIS A 503 -8.87 9.36 8.28
C HIS A 503 -9.85 8.32 8.85
N VAL A 504 -10.07 7.24 8.11
CA VAL A 504 -10.96 6.18 8.53
C VAL A 504 -10.40 4.84 8.05
N GLY A 505 -10.50 3.81 8.88
CA GLY A 505 -9.99 2.50 8.50
C GLY A 505 -10.45 1.39 9.42
N PRO A 506 -10.75 0.20 8.89
CA PRO A 506 -10.68 -0.13 7.47
C PRO A 506 -11.77 0.60 6.68
N MET A 507 -11.69 0.55 5.35
CA MET A 507 -12.67 1.22 4.50
C MET A 507 -13.70 0.24 3.94
N MET A 508 -13.61 -1.02 4.38
CA MET A 508 -14.52 -2.06 3.93
C MET A 508 -14.63 -3.14 4.99
N ALA A 509 -15.87 -3.41 5.42
CA ALA A 509 -16.11 -4.43 6.43
C ALA A 509 -17.61 -4.72 6.60
N LYS A 510 -17.91 -5.87 7.17
CA LYS A 510 -19.29 -6.28 7.40
C LYS A 510 -19.76 -5.72 8.74
N PRO A 511 -21.09 -5.68 8.96
CA PRO A 511 -21.62 -5.15 10.22
C PRO A 511 -21.03 -5.87 11.43
N GLY A 512 -20.75 -5.11 12.50
CA GLY A 512 -20.20 -5.72 13.70
C GLY A 512 -18.72 -5.48 13.89
N VAL A 513 -18.03 -5.19 12.79
CA VAL A 513 -16.60 -4.91 12.86
C VAL A 513 -16.39 -3.50 13.39
N THR A 514 -15.31 -3.30 14.14
CA THR A 514 -14.99 -1.99 14.69
C THR A 514 -14.06 -1.23 13.75
N ILE A 515 -14.38 0.03 13.48
CA ILE A 515 -13.56 0.85 12.60
C ILE A 515 -12.94 1.97 13.43
N THR A 516 -11.86 2.55 12.93
CA THR A 516 -11.20 3.64 13.64
C THR A 516 -11.29 4.94 12.87
N ILE A 517 -11.87 5.95 13.50
CA ILE A 517 -12.02 7.27 12.90
C ILE A 517 -11.07 8.24 13.60
N ASP A 518 -10.07 8.73 12.85
CA ASP A 518 -9.09 9.65 13.40
C ASP A 518 -9.28 11.07 12.87
N GLY A 519 -8.87 12.04 13.69
CA GLY A 519 -8.99 13.43 13.31
C GLY A 519 -8.71 14.34 14.48
N ARG A 520 -9.39 15.48 14.52
CA ARG A 520 -9.21 16.45 15.59
C ARG A 520 -10.53 17.12 15.97
N GLY A 521 -10.61 17.57 17.22
CA GLY A 521 -11.80 18.27 17.68
C GLY A 521 -13.07 17.45 17.86
N PHE A 522 -12.93 16.18 18.22
CA PHE A 522 -14.10 15.33 18.43
C PHE A 522 -14.69 15.58 19.82
N GLY A 523 -13.92 16.21 20.69
CA GLY A 523 -14.38 16.44 22.05
C GLY A 523 -14.03 15.25 22.92
N SER A 524 -14.17 15.40 24.23
CA SER A 524 -13.82 14.32 25.15
C SER A 524 -14.99 13.42 25.55
N SER A 525 -16.21 13.85 25.25
CA SER A 525 -17.37 13.04 25.60
C SER A 525 -18.05 12.50 24.33
N LYS A 526 -18.63 11.30 24.45
CA LYS A 526 -19.29 10.65 23.32
C LYS A 526 -20.33 11.47 22.59
N GLY A 527 -20.27 11.41 21.26
CA GLY A 527 -21.22 12.11 20.43
C GLY A 527 -21.98 11.08 19.62
N THR A 528 -22.14 11.34 18.33
CA THR A 528 -22.87 10.42 17.46
C THR A 528 -22.10 10.19 16.16
N VAL A 529 -22.14 8.96 15.65
CA VAL A 529 -21.49 8.62 14.40
C VAL A 529 -22.59 8.25 13.40
N TYR A 530 -22.53 8.83 12.20
CA TYR A 530 -23.53 8.55 11.17
C TYR A 530 -22.99 7.75 10.00
N PHE A 531 -23.67 6.67 9.67
CA PHE A 531 -23.31 5.86 8.49
C PHE A 531 -24.45 6.13 7.51
N GLY A 532 -24.30 7.19 6.72
CA GLY A 532 -25.36 7.58 5.82
C GLY A 532 -26.32 8.38 6.67
N THR A 533 -27.55 7.90 6.79
CA THR A 533 -28.54 8.58 7.61
C THR A 533 -28.73 7.87 8.95
N THR A 534 -28.16 6.68 9.08
CA THR A 534 -28.28 5.89 10.30
C THR A 534 -27.36 6.44 11.38
N ALA A 535 -27.94 6.73 12.55
CA ALA A 535 -27.19 7.27 13.67
C ALA A 535 -26.75 6.16 14.60
N VAL A 536 -25.52 6.28 15.10
CA VAL A 536 -24.96 5.31 16.02
C VAL A 536 -24.41 6.04 17.24
N SER A 537 -24.82 5.60 18.43
CA SER A 537 -24.37 6.22 19.66
C SER A 537 -24.46 5.22 20.81
N GLY A 538 -23.94 5.61 21.96
CA GLY A 538 -24.00 4.75 23.12
C GLY A 538 -22.93 3.67 23.16
N ALA A 539 -23.34 2.47 23.55
CA ALA A 539 -22.43 1.34 23.69
C ALA A 539 -21.64 0.95 22.44
N ASP A 540 -22.29 0.95 21.28
CA ASP A 540 -21.60 0.56 20.04
C ASP A 540 -20.37 1.41 19.73
N ILE A 541 -20.28 2.57 20.37
CA ILE A 541 -19.09 3.41 20.25
C ILE A 541 -18.19 2.97 21.40
N THR A 542 -17.25 2.08 21.11
CA THR A 542 -16.37 1.52 22.14
C THR A 542 -15.47 2.53 22.86
N SER A 543 -14.96 3.52 22.13
CA SER A 543 -14.12 4.54 22.74
C SER A 543 -14.22 5.85 21.97
N TRP A 544 -14.11 6.97 22.71
CA TRP A 544 -14.21 8.29 22.10
C TRP A 544 -13.33 9.32 22.80
N GLU A 545 -12.46 9.96 22.01
CA GLU A 545 -11.61 11.02 22.52
C GLU A 545 -11.38 12.05 21.41
N ASP A 546 -10.74 13.16 21.75
CA ASP A 546 -10.53 14.25 20.80
C ASP A 546 -9.95 13.90 19.43
N THR A 547 -9.03 12.93 19.38
CA THR A 547 -8.39 12.57 18.10
C THR A 547 -8.75 11.22 17.52
N GLN A 548 -9.44 10.37 18.27
CA GLN A 548 -9.81 9.05 17.77
C GLN A 548 -11.12 8.53 18.31
N ILE A 549 -11.90 7.91 17.41
CA ILE A 549 -13.19 7.33 17.74
C ILE A 549 -13.23 5.88 17.25
N LYS A 550 -13.73 4.98 18.10
CA LYS A 550 -13.86 3.58 17.72
C LYS A 550 -15.32 3.17 17.84
N VAL A 551 -15.90 2.78 16.71
CA VAL A 551 -17.30 2.44 16.65
C VAL A 551 -17.56 1.17 15.84
N LYS A 552 -18.56 0.39 16.25
CA LYS A 552 -18.91 -0.81 15.53
C LYS A 552 -19.84 -0.47 14.37
N ILE A 553 -19.60 -1.10 13.22
CA ILE A 553 -20.42 -0.86 12.05
C ILE A 553 -21.84 -1.35 12.29
N PRO A 554 -22.84 -0.47 12.16
CA PRO A 554 -24.23 -0.86 12.37
C PRO A 554 -24.71 -1.87 11.34
N ALA A 555 -25.69 -2.68 11.71
CA ALA A 555 -26.22 -3.68 10.81
C ALA A 555 -27.14 -3.03 9.76
N VAL A 556 -26.53 -2.36 8.79
CA VAL A 556 -27.27 -1.70 7.73
C VAL A 556 -27.09 -2.51 6.44
N ALA A 557 -27.92 -2.22 5.44
CA ALA A 557 -27.83 -2.91 4.16
C ALA A 557 -26.45 -2.70 3.53
N GLY A 558 -25.98 -3.69 2.76
CA GLY A 558 -24.69 -3.56 2.12
C GLY A 558 -24.71 -2.40 1.15
N GLY A 559 -23.58 -1.70 1.03
CA GLY A 559 -23.52 -0.57 0.11
C GLY A 559 -22.42 0.41 0.45
N ASN A 560 -22.46 1.57 -0.20
CA ASN A 560 -21.46 2.61 0.02
C ASN A 560 -22.06 3.73 0.86
N TYR A 561 -21.38 4.09 1.95
CA TYR A 561 -21.89 5.13 2.84
C TYR A 561 -20.90 6.25 3.10
N ASN A 562 -21.43 7.36 3.61
CA ASN A 562 -20.60 8.50 3.98
C ASN A 562 -20.53 8.49 5.50
N ILE A 563 -19.33 8.68 6.04
CA ILE A 563 -19.17 8.72 7.48
C ILE A 563 -19.17 10.17 7.92
N LYS A 564 -19.81 10.43 9.06
CA LYS A 564 -19.90 11.77 9.61
C LYS A 564 -20.11 11.65 11.11
N VAL A 565 -19.46 12.52 11.88
CA VAL A 565 -19.60 12.48 13.32
C VAL A 565 -20.11 13.83 13.85
N ALA A 566 -20.50 13.84 15.11
CA ALA A 566 -21.00 15.05 15.77
C ALA A 566 -20.59 14.95 17.23
N ASN A 567 -20.08 16.05 17.78
CA ASN A 567 -19.69 16.03 19.19
C ASN A 567 -20.93 16.01 20.08
N ALA A 568 -20.70 15.98 21.39
CA ALA A 568 -21.80 15.94 22.35
C ALA A 568 -22.75 17.13 22.18
N ALA A 569 -22.21 18.25 21.71
CA ALA A 569 -23.01 19.46 21.51
C ALA A 569 -23.85 19.39 20.24
N GLY A 570 -23.54 18.44 19.36
CA GLY A 570 -24.29 18.30 18.14
C GLY A 570 -23.70 18.94 16.90
N THR A 571 -22.46 19.44 17.01
CA THR A 571 -21.81 20.05 15.85
C THR A 571 -21.31 18.95 14.94
N ALA A 572 -21.77 18.96 13.70
CA ALA A 572 -21.39 17.93 12.72
C ALA A 572 -19.99 18.19 12.14
N SER A 573 -19.35 17.12 11.69
CA SER A 573 -18.02 17.22 11.11
C SER A 573 -18.09 17.18 9.58
N ASN A 574 -16.94 17.08 8.94
CA ASN A 574 -16.90 16.99 7.49
C ASN A 574 -17.26 15.55 7.13
N VAL A 575 -17.60 15.33 5.88
CA VAL A 575 -17.97 13.98 5.43
C VAL A 575 -16.76 13.23 4.89
N TYR A 576 -16.68 11.94 5.24
CA TYR A 576 -15.62 11.07 4.74
C TYR A 576 -16.39 9.98 4.00
N ASP A 577 -16.30 10.02 2.66
CA ASP A 577 -17.07 9.09 1.82
C ASP A 577 -16.34 7.85 1.33
N ASN A 578 -17.07 7.03 0.59
CA ASN A 578 -16.57 5.81 -0.02
C ASN A 578 -16.39 4.63 0.94
N PHE A 579 -17.04 4.69 2.10
CA PHE A 579 -16.95 3.58 3.03
C PHE A 579 -17.90 2.48 2.57
N GLU A 580 -17.40 1.26 2.43
CA GLU A 580 -18.24 0.16 1.97
C GLU A 580 -18.60 -0.85 3.06
N VAL A 581 -19.90 -1.06 3.21
CA VAL A 581 -20.42 -2.02 4.18
C VAL A 581 -20.74 -3.30 3.38
N LEU A 582 -20.08 -4.39 3.75
CA LEU A 582 -20.30 -5.66 3.07
C LEU A 582 -21.60 -6.31 3.51
N SER A 583 -22.12 -7.23 2.69
CA SER A 583 -23.36 -7.93 3.00
C SER A 583 -23.09 -9.06 3.99
N GLY A 584 -21.81 -9.32 4.22
CA GLY A 584 -21.41 -10.37 5.15
C GLY A 584 -20.04 -10.90 4.74
N ASP A 585 -19.65 -12.06 5.27
CA ASP A 585 -18.37 -12.64 4.92
C ASP A 585 -18.34 -12.87 3.40
N GLN A 586 -17.13 -12.87 2.84
CA GLN A 586 -16.98 -13.00 1.39
C GLN A 586 -16.33 -14.30 0.92
N VAL A 587 -16.68 -14.69 -0.30
CA VAL A 587 -16.10 -15.86 -0.96
C VAL A 587 -15.86 -15.40 -2.41
N SER A 588 -14.86 -15.97 -3.05
CA SER A 588 -14.54 -15.62 -4.43
C SER A 588 -15.18 -16.62 -5.38
N VAL A 589 -16.08 -16.13 -6.23
CA VAL A 589 -16.78 -16.97 -7.19
C VAL A 589 -16.46 -16.54 -8.61
N ARG A 590 -16.27 -17.51 -9.50
CA ARG A 590 -15.99 -17.22 -10.90
C ARG A 590 -17.26 -17.30 -11.73
N PHE A 591 -17.57 -16.21 -12.44
CA PHE A 591 -18.75 -16.18 -13.29
C PHE A 591 -18.33 -16.37 -14.74
N VAL A 592 -19.07 -17.21 -15.45
CA VAL A 592 -18.79 -17.47 -16.85
C VAL A 592 -20.08 -17.41 -17.66
N VAL A 593 -20.11 -16.56 -18.67
CA VAL A 593 -21.27 -16.45 -19.56
C VAL A 593 -20.87 -16.87 -20.96
N ASN A 594 -21.66 -17.74 -21.57
CA ASN A 594 -21.36 -18.26 -22.90
C ASN A 594 -22.13 -17.58 -24.01
N ASN A 595 -21.55 -17.59 -25.21
CA ASN A 595 -22.18 -17.00 -26.39
C ASN A 595 -22.67 -15.58 -26.21
N ALA A 596 -21.80 -14.71 -25.71
CA ALA A 596 -22.12 -13.31 -25.52
C ALA A 596 -21.32 -12.49 -26.53
N THR A 597 -21.82 -12.44 -27.76
CA THR A 597 -21.15 -11.71 -28.83
C THR A 597 -21.27 -10.20 -28.63
N THR A 598 -20.25 -9.48 -29.07
CA THR A 598 -20.22 -8.03 -28.92
C THR A 598 -19.51 -7.38 -30.11
N ALA A 599 -19.56 -6.05 -30.16
CA ALA A 599 -18.89 -5.29 -31.20
C ALA A 599 -17.70 -4.59 -30.55
N LEU A 600 -16.66 -4.29 -31.32
CA LEU A 600 -15.48 -3.64 -30.76
C LEU A 600 -15.85 -2.43 -29.91
N GLY A 601 -15.24 -2.34 -28.72
CA GLY A 601 -15.51 -1.24 -27.82
C GLY A 601 -16.63 -1.58 -26.86
N GLN A 602 -17.37 -2.62 -27.18
CA GLN A 602 -18.48 -3.08 -26.36
C GLN A 602 -18.02 -4.26 -25.50
N ASN A 603 -18.31 -4.21 -24.21
CA ASN A 603 -17.88 -5.26 -23.29
C ASN A 603 -19.03 -5.81 -22.46
N VAL A 604 -18.83 -7.00 -21.89
CA VAL A 604 -19.83 -7.65 -21.05
C VAL A 604 -19.55 -7.37 -19.57
N TYR A 605 -20.61 -7.10 -18.83
CA TYR A 605 -20.50 -6.83 -17.40
C TYR A 605 -21.50 -7.69 -16.61
N LEU A 606 -21.32 -7.72 -15.29
CA LEU A 606 -22.18 -8.50 -14.41
C LEU A 606 -22.84 -7.62 -13.36
N THR A 607 -24.11 -7.86 -13.10
CA THR A 607 -24.84 -7.10 -12.09
C THR A 607 -25.77 -8.04 -11.34
N GLY A 608 -26.13 -7.69 -10.10
CA GLY A 608 -26.99 -8.58 -9.32
C GLY A 608 -27.73 -7.96 -8.16
N SER A 609 -28.41 -8.81 -7.39
CA SER A 609 -29.25 -8.37 -6.27
C SER A 609 -28.54 -8.05 -4.95
N VAL A 610 -27.22 -7.90 -4.99
CA VAL A 610 -26.48 -7.55 -3.77
C VAL A 610 -25.56 -6.37 -4.06
N SER A 611 -25.15 -5.66 -3.00
CA SER A 611 -24.28 -4.50 -3.16
C SER A 611 -22.93 -4.88 -3.77
N GLU A 612 -22.48 -6.10 -3.50
CA GLU A 612 -21.21 -6.56 -4.06
C GLU A 612 -21.29 -6.69 -5.58
N LEU A 613 -22.50 -6.66 -6.11
CA LEU A 613 -22.70 -6.76 -7.56
C LEU A 613 -23.32 -5.48 -8.13
N GLY A 614 -23.48 -4.47 -7.28
CA GLY A 614 -24.00 -3.20 -7.73
C GLY A 614 -25.49 -2.95 -7.58
N ASN A 615 -26.22 -3.91 -7.03
CA ASN A 615 -27.66 -3.78 -6.84
C ASN A 615 -28.41 -3.35 -8.10
N TRP A 616 -28.17 -4.06 -9.20
CA TRP A 616 -28.84 -3.80 -10.47
C TRP A 616 -28.54 -2.46 -11.15
N ASP A 617 -27.61 -1.69 -10.59
CA ASP A 617 -27.25 -0.40 -11.16
C ASP A 617 -26.14 -0.58 -12.19
N PRO A 618 -26.44 -0.35 -13.48
CA PRO A 618 -25.47 -0.50 -14.58
C PRO A 618 -24.18 0.30 -14.36
N ALA A 619 -24.29 1.43 -13.69
CA ALA A 619 -23.13 2.27 -13.40
C ALA A 619 -22.17 1.59 -12.44
N LYS A 620 -22.69 0.63 -11.68
CA LYS A 620 -21.87 -0.09 -10.69
C LYS A 620 -21.66 -1.55 -11.03
N ALA A 621 -21.82 -1.90 -12.31
CA ALA A 621 -21.66 -3.28 -12.75
C ALA A 621 -20.20 -3.73 -12.65
N ILE A 622 -20.01 -5.04 -12.45
CA ILE A 622 -18.68 -5.62 -12.34
C ILE A 622 -18.12 -5.94 -13.73
N GLY A 623 -16.92 -5.44 -14.01
CA GLY A 623 -16.31 -5.68 -15.30
C GLY A 623 -15.40 -4.53 -15.72
N PRO A 624 -14.96 -4.49 -16.99
CA PRO A 624 -15.29 -5.46 -18.05
C PRO A 624 -14.81 -6.86 -17.73
N MET A 625 -15.51 -7.86 -18.25
CA MET A 625 -15.13 -9.25 -18.02
C MET A 625 -14.06 -9.67 -19.02
N TYR A 626 -13.32 -10.73 -18.67
CA TYR A 626 -12.23 -11.22 -19.52
C TYR A 626 -12.70 -12.24 -20.56
N ASN A 627 -11.94 -12.37 -21.64
CA ASN A 627 -12.29 -13.32 -22.69
C ASN A 627 -11.10 -13.80 -23.52
N GLN A 628 -9.93 -13.92 -22.91
CA GLN A 628 -8.76 -14.36 -23.66
C GLN A 628 -8.04 -15.60 -23.13
N VAL A 629 -7.65 -15.57 -21.86
CA VAL A 629 -6.89 -16.70 -21.29
C VAL A 629 -7.71 -17.92 -20.87
N VAL A 630 -8.27 -17.90 -19.67
CA VAL A 630 -9.02 -19.05 -19.17
C VAL A 630 -10.18 -19.45 -20.08
N TYR A 631 -10.91 -18.46 -20.57
CA TYR A 631 -12.00 -18.69 -21.51
C TYR A 631 -11.87 -17.66 -22.62
N GLN A 632 -12.19 -18.06 -23.85
CA GLN A 632 -12.07 -17.13 -24.98
C GLN A 632 -13.40 -16.75 -25.62
N TYR A 633 -13.49 -15.47 -26.00
CA TYR A 633 -14.68 -14.93 -26.64
C TYR A 633 -15.22 -15.91 -27.68
N PRO A 634 -16.55 -15.98 -27.84
CA PRO A 634 -17.61 -15.25 -27.15
C PRO A 634 -17.92 -15.65 -25.71
N ASN A 635 -17.01 -16.37 -25.06
CA ASN A 635 -17.23 -16.74 -23.66
C ASN A 635 -16.46 -15.75 -22.78
N TRP A 636 -17.13 -15.24 -21.75
CA TRP A 636 -16.52 -14.27 -20.85
C TRP A 636 -16.50 -14.79 -19.41
N TYR A 637 -15.46 -14.41 -18.67
CA TYR A 637 -15.34 -14.85 -17.28
C TYR A 637 -14.78 -13.74 -16.39
N TYR A 638 -15.02 -13.86 -15.08
CA TYR A 638 -14.52 -12.89 -14.11
C TYR A 638 -14.70 -13.39 -12.68
N ASP A 639 -13.67 -13.19 -11.86
CA ASP A 639 -13.70 -13.61 -10.46
C ASP A 639 -14.25 -12.49 -9.60
N VAL A 640 -15.35 -12.76 -8.90
CA VAL A 640 -16.02 -11.76 -8.09
C VAL A 640 -16.16 -12.13 -6.63
N SER A 641 -16.07 -11.14 -5.77
CA SER A 641 -16.23 -11.34 -4.33
C SER A 641 -17.72 -11.14 -4.02
N VAL A 642 -18.35 -12.17 -3.45
CA VAL A 642 -19.76 -12.12 -3.12
C VAL A 642 -20.04 -12.63 -1.70
N PRO A 643 -21.21 -12.27 -1.13
CA PRO A 643 -21.59 -12.68 0.23
C PRO A 643 -21.69 -14.20 0.32
N ALA A 644 -21.08 -14.77 1.36
CA ALA A 644 -21.07 -16.21 1.54
C ALA A 644 -22.42 -16.78 1.93
N GLY A 645 -22.78 -17.89 1.32
CA GLY A 645 -24.04 -18.56 1.62
C GLY A 645 -25.32 -17.86 1.22
N LYS A 646 -25.21 -16.79 0.44
CA LYS A 646 -26.42 -16.06 0.02
C LYS A 646 -26.92 -16.45 -1.35
N THR A 647 -28.24 -16.47 -1.50
CA THR A 647 -28.86 -16.78 -2.78
C THR A 647 -28.91 -15.46 -3.55
N ILE A 648 -28.19 -15.41 -4.66
CA ILE A 648 -28.07 -14.20 -5.45
C ILE A 648 -28.67 -14.30 -6.84
N GLU A 649 -29.39 -13.25 -7.25
CA GLU A 649 -29.96 -13.18 -8.59
C GLU A 649 -29.04 -12.26 -9.38
N PHE A 650 -28.79 -12.59 -10.64
CA PHE A 650 -27.91 -11.77 -11.45
C PHE A 650 -28.21 -11.85 -12.94
N LYS A 651 -27.65 -10.88 -13.67
CA LYS A 651 -27.79 -10.82 -15.11
C LYS A 651 -26.53 -10.18 -15.68
N PHE A 652 -26.29 -10.43 -16.96
CA PHE A 652 -25.14 -9.87 -17.64
C PHE A 652 -25.65 -8.76 -18.54
N LEU A 653 -24.78 -7.82 -18.88
CA LEU A 653 -25.14 -6.73 -19.77
C LEU A 653 -23.95 -6.35 -20.63
N LYS A 654 -24.23 -5.81 -21.81
CA LYS A 654 -23.19 -5.35 -22.71
C LYS A 654 -23.19 -3.83 -22.64
N LYS A 655 -22.02 -3.25 -22.43
CA LYS A 655 -21.93 -1.80 -22.32
C LYS A 655 -20.93 -1.18 -23.29
N GLN A 656 -21.36 -0.10 -23.92
CA GLN A 656 -20.51 0.67 -24.80
C GLN A 656 -20.70 2.08 -24.27
N GLY A 657 -19.69 2.59 -23.58
CA GLY A 657 -19.81 3.91 -22.97
C GLY A 657 -20.80 3.73 -21.83
N SER A 658 -21.84 4.57 -21.80
CA SER A 658 -22.85 4.47 -20.76
C SER A 658 -24.13 3.85 -21.33
N THR A 659 -24.05 3.35 -22.56
CA THR A 659 -25.19 2.72 -23.21
C THR A 659 -25.26 1.25 -22.77
N VAL A 660 -26.38 0.86 -22.18
CA VAL A 660 -26.56 -0.49 -21.67
C VAL A 660 -27.54 -1.36 -22.44
N THR A 661 -27.19 -2.64 -22.58
CA THR A 661 -28.04 -3.61 -23.25
C THR A 661 -28.19 -4.81 -22.31
N TRP A 662 -29.38 -4.96 -21.74
CA TRP A 662 -29.62 -6.05 -20.80
C TRP A 662 -29.80 -7.41 -21.43
N GLU A 663 -29.55 -8.44 -20.63
CA GLU A 663 -29.71 -9.82 -21.04
C GLU A 663 -31.21 -10.08 -20.98
N GLY A 664 -31.72 -10.88 -21.91
CA GLY A 664 -33.14 -11.18 -21.91
C GLY A 664 -33.51 -12.23 -20.88
N GLY A 665 -34.78 -12.62 -20.86
CA GLY A 665 -35.24 -13.65 -19.95
C GLY A 665 -35.28 -13.26 -18.48
N SER A 666 -35.31 -14.27 -17.62
CA SER A 666 -35.35 -14.05 -16.18
C SER A 666 -33.95 -14.01 -15.60
N ASN A 667 -33.84 -13.56 -14.36
CA ASN A 667 -32.55 -13.48 -13.69
C ASN A 667 -31.97 -14.87 -13.50
N HIS A 668 -30.65 -14.98 -13.56
CA HIS A 668 -29.99 -16.24 -13.26
C HIS A 668 -29.97 -16.23 -11.75
N THR A 669 -29.97 -17.41 -11.13
CA THR A 669 -29.95 -17.45 -9.68
C THR A 669 -28.99 -18.53 -9.19
N PHE A 670 -28.46 -18.34 -8.00
CA PHE A 670 -27.54 -19.31 -7.40
C PHE A 670 -27.28 -18.95 -5.96
N THR A 671 -26.78 -19.92 -5.20
CA THR A 671 -26.45 -19.70 -3.80
C THR A 671 -24.95 -19.84 -3.64
N ALA A 672 -24.29 -18.76 -3.23
CA ALA A 672 -22.84 -18.76 -3.06
C ALA A 672 -22.43 -19.74 -1.96
N PRO A 673 -21.25 -20.38 -2.11
CA PRO A 673 -20.79 -21.33 -1.09
C PRO A 673 -20.53 -20.60 0.22
N SER A 674 -20.66 -21.30 1.34
CA SER A 674 -20.43 -20.68 2.64
C SER A 674 -18.92 -20.59 2.89
N SER A 675 -18.15 -21.27 2.06
CA SER A 675 -16.69 -21.27 2.18
C SER A 675 -16.05 -21.82 0.91
N GLY A 676 -14.81 -21.42 0.66
CA GLY A 676 -14.12 -21.89 -0.53
C GLY A 676 -14.56 -21.11 -1.77
N THR A 677 -14.37 -21.69 -2.93
CA THR A 677 -14.74 -21.04 -4.17
C THR A 677 -15.76 -21.85 -4.95
N ALA A 678 -16.18 -21.33 -6.10
CA ALA A 678 -17.16 -22.01 -6.95
C ALA A 678 -17.15 -21.35 -8.32
N THR A 679 -17.69 -22.04 -9.33
CA THR A 679 -17.73 -21.50 -10.68
C THR A 679 -19.13 -21.64 -11.26
N ILE A 680 -19.72 -20.51 -11.64
CA ILE A 680 -21.06 -20.48 -12.21
C ILE A 680 -20.96 -20.32 -13.72
N ASN A 681 -21.50 -21.29 -14.45
CA ASN A 681 -21.45 -21.27 -15.90
C ASN A 681 -22.87 -21.18 -16.46
N VAL A 682 -23.17 -20.09 -17.18
CA VAL A 682 -24.49 -19.91 -17.76
C VAL A 682 -24.40 -19.37 -19.19
N ASN A 683 -25.52 -19.43 -19.90
CA ASN A 683 -25.57 -18.96 -21.28
C ASN A 683 -26.30 -17.62 -21.37
N TRP A 684 -25.80 -16.73 -22.23
CA TRP A 684 -26.41 -15.43 -22.42
C TRP A 684 -27.82 -15.60 -22.98
N GLN A 685 -28.80 -15.02 -22.31
CA GLN A 685 -30.20 -15.11 -22.75
C GLN A 685 -30.57 -13.92 -23.65
N PRO A 686 -30.96 -14.21 -24.90
CA PRO A 686 -31.36 -13.21 -25.88
C PRO A 686 -32.60 -12.41 -25.43
C1 GLC B . 7.07 -3.18 -16.65
C2 GLC B . 5.75 -3.80 -16.20
C3 GLC B . 5.71 -4.15 -14.70
C4 GLC B . 6.91 -5.03 -14.37
C5 GLC B . 8.17 -4.23 -14.70
C6 GLC B . 9.43 -5.01 -14.43
O1 GLC B . 7.12 -1.80 -16.32
O2 GLC B . 4.65 -2.96 -16.53
O3 GLC B . 4.53 -4.88 -14.41
O4 GLC B . 6.89 -5.36 -12.96
O5 GLC B . 8.22 -3.87 -16.10
O6 GLC B . 10.34 -4.22 -13.66
C1 G6D B . 6.87 -6.71 -12.57
O2 G6D B . 4.57 -6.28 -12.01
C2 G6D B . 5.73 -7.01 -11.60
C3 G6D B . 6.04 -6.68 -10.15
O3 G6D B . 5.06 -7.23 -9.28
C4 G6D B . 7.39 -7.28 -9.75
C5 G6D B . 8.47 -6.71 -10.66
O5 G6D B . 8.16 -7.08 -12.03
C6 G6D B . 9.85 -7.22 -10.36
C1 GLC C . 5.13 34.21 -10.17
C2 GLC C . 4.95 32.71 -9.91
C3 GLC C . 3.47 32.39 -9.66
C4 GLC C . 2.92 33.29 -8.54
C5 GLC C . 3.18 34.75 -8.89
C6 GLC C . 2.72 35.69 -7.78
O1 GLC C . 4.48 34.57 -11.33
O2 GLC C . 5.40 31.97 -11.02
O3 GLC C . 3.33 31.03 -9.27
O4 GLC C . 1.50 33.05 -8.40
O5 GLC C . 4.59 34.98 -9.08
O6 GLC C . 3.03 37.04 -8.09
C1 GLC C . 1.10 32.55 -7.15
C2 GLC C . 0.11 31.40 -7.36
C3 GLC C . -1.19 31.93 -7.96
C4 GLC C . -1.76 33.06 -7.09
C5 GLC C . -0.70 34.14 -6.86
C6 GLC C . -1.14 35.20 -5.87
O2 GLC C . 0.68 30.42 -8.22
O3 GLC C . -2.13 30.87 -8.06
O4 GLC C . -2.89 33.62 -7.74
O5 GLC C . 0.52 33.55 -6.32
O6 GLC C . -0.21 36.25 -5.81
C1 GLC D . -13.01 -8.14 -36.40
C2 GLC D . -14.37 -7.61 -35.94
C3 GLC D . -14.41 -7.53 -34.40
C4 GLC D . -14.00 -8.87 -33.78
C5 GLC D . -12.66 -9.34 -34.36
C6 GLC D . -12.26 -10.72 -33.87
O1 GLC D . -12.01 -7.26 -36.03
O2 GLC D . -14.60 -6.33 -36.49
O3 GLC D . -15.72 -7.17 -33.98
O4 GLC D . -13.88 -8.72 -32.35
O5 GLC D . -12.74 -9.41 -35.80
O6 GLC D . -11.72 -10.66 -32.56
C1 GLC D . -14.59 -9.65 -31.58
C2 GLC D . -15.74 -8.94 -30.86
C3 GLC D . -15.16 -7.91 -29.89
C4 GLC D . -14.17 -8.56 -28.92
C5 GLC D . -13.12 -9.41 -29.67
C6 GLC D . -12.32 -10.28 -28.72
O2 GLC D . -16.57 -8.29 -31.82
O3 GLC D . -16.22 -7.30 -29.16
O4 GLC D . -13.49 -7.53 -28.19
O5 GLC D . -13.76 -10.29 -30.61
O6 GLC D . -10.94 -10.24 -29.05
C1 GLC D . -13.94 -7.33 -26.87
C2 GLC D . -14.24 -5.84 -26.64
C3 GLC D . -12.93 -5.03 -26.64
C4 GLC D . -11.97 -5.61 -25.60
C5 GLC D . -11.73 -7.09 -25.90
C6 GLC D . -10.85 -7.76 -24.86
O2 GLC D . -15.09 -5.36 -27.68
O3 GLC D . -13.22 -3.67 -26.33
O4 GLC D . -10.74 -4.90 -25.65
O5 GLC D . -13.00 -7.81 -25.91
O6 GLC D . -10.48 -9.06 -25.27
C2 BGC E . -38.58 -4.61 -21.66
C3 BGC E . -37.73 -5.43 -20.68
C4 BGC E . -36.92 -4.48 -19.78
C5 BGC E . -37.86 -3.46 -19.11
C6 BGC E . -37.11 -2.43 -18.28
C1 BGC E . -39.45 -3.60 -20.90
O1 BGC E . -40.14 -2.81 -21.80
O2 BGC E . -39.40 -5.50 -22.41
O3 BGC E . -36.85 -6.29 -21.39
O4 BGC E . -36.20 -5.24 -18.78
O5 BGC E . -38.61 -2.74 -20.11
O6 BGC E . -38.01 -1.45 -17.75
C1 GLC E . -34.82 -5.11 -18.81
C2 GLC E . -34.15 -6.41 -18.34
C3 GLC E . -34.41 -6.62 -16.85
C4 GLC E . -33.97 -5.40 -16.04
C5 GLC E . -34.60 -4.11 -16.61
C6 GLC E . -34.04 -2.86 -15.97
O2 GLC E . -34.68 -7.50 -19.08
O3 GLC E . -33.70 -7.76 -16.40
O4 GLC E . -34.40 -5.56 -14.67
O5 GLC E . -34.34 -4.02 -18.04
O6 GLC E . -34.86 -1.73 -16.27
C1 GLC E . -33.38 -5.76 -13.72
C2 GLC E . -33.60 -7.08 -12.97
C3 GLC E . -34.82 -6.98 -12.05
C4 GLC E . -34.67 -5.78 -11.12
C5 GLC E . -34.42 -4.50 -11.93
C6 GLC E . -34.13 -3.30 -11.06
O2 GLC E . -33.78 -8.15 -13.89
O3 GLC E . -34.95 -8.16 -11.28
O4 GLC E . -35.85 -5.64 -10.34
O5 GLC E . -33.28 -4.67 -12.80
O6 GLC E . -33.93 -2.13 -11.83
C1 ADH F . 7.40 -7.89 -7.22
C2 ADH F . 8.42 -7.66 -6.08
C3 ADH F . 9.77 -8.15 -6.57
C4 ADH F . 9.66 -9.67 -6.81
C5 ADH F . 8.51 -10.14 -7.55
C6 ADH F . 7.89 -11.42 -7.04
C7 ADH F . 7.39 -9.26 -7.70
N1 ADH F . 7.67 -6.92 -8.33
O2 ADH F . 8.40 -6.27 -5.75
O3 ADH F . 10.78 -7.94 -5.59
O6 ADH F . 7.72 -11.50 -5.62
C1 GLC G . 11.53 -11.35 -6.79
C2 GLC G . 13.00 -11.04 -6.48
C3 GLC G . 13.76 -10.78 -7.77
C4 GLC G . 13.68 -12.03 -8.65
C5 GLC G . 12.19 -12.32 -8.95
C6 GLC G . 11.99 -13.55 -9.80
O1 GLC G . 10.90 -10.20 -7.34
O2 GLC G . 13.06 -9.91 -5.61
O3 GLC G . 15.14 -10.51 -7.50
O4 GLC G . 14.36 -11.86 -9.90
O5 GLC G . 11.45 -12.48 -7.70
O6 GLC G . 12.20 -14.75 -9.04
CA CA H . 22.02 -14.48 10.87
CA CA I . -1.11 -14.69 -10.97
#